data_4EHB
#
_entry.id   4EHB
#
_cell.length_a   167.430
_cell.length_b   83.920
_cell.length_c   88.740
_cell.angle_alpha   90.00
_cell.angle_beta   100.31
_cell.angle_gamma   90.00
#
_symmetry.space_group_name_H-M   'C 1 2 1'
#
loop_
_entity.id
_entity.type
_entity.pdbx_description
1 polymer 'Putative hydrolase'
2 non-polymer (2R)-2-butyloxirane
3 water water
#
_entity_poly.entity_id   1
_entity_poly.type   'polypeptide(L)'
_entity_poly.pdbx_seq_one_letter_code
;AEEFPVPNGFESAYREVDGVKLHYVKGGQGPLVMLVHGFGQTWYEWHQLMPELAKRFTVIAPDLPGLGQSEPPKTGYSGE
QVAVYLHKLARQFSPDRPFDLVAHSIGIWNTYPMVVKNQADIARLVYMEAPIPDARIYRFPAFTAQGESLVWHFSFFAAD
DRLAETLIAGKERFFLEHFIKSHASNTEVFSERLLDLYARSYAKPHSLNASFEYYRALNESVRQNAELAKTRLQMPTMTL
AGGGHGGMGTFQLEQMKAYAEDVEGHVLPGCGHWLPEECAAPMNRLVIDFLSRGRHHHHHH
;
_entity_poly.pdbx_strand_id   A,B,C,D
#
# COMPACT_ATOMS: atom_id res chain seq x y z
N ALA A 1 3.80 -27.64 18.55
CA ALA A 1 4.06 -26.81 17.38
C ALA A 1 3.89 -25.33 17.70
N GLU A 2 4.59 -24.48 16.96
CA GLU A 2 4.52 -23.04 17.18
C GLU A 2 4.17 -22.35 15.88
N GLU A 3 3.15 -21.49 15.91
CA GLU A 3 2.75 -20.79 14.70
C GLU A 3 3.77 -19.73 14.28
N PHE A 4 4.47 -19.18 15.27
CA PHE A 4 5.46 -18.12 15.06
C PHE A 4 6.72 -18.43 15.85
N PRO A 5 7.88 -17.99 15.34
CA PRO A 5 9.18 -18.26 15.97
C PRO A 5 9.34 -17.53 17.30
N VAL A 6 9.66 -18.26 18.36
CA VAL A 6 9.85 -17.66 19.67
C VAL A 6 11.24 -17.03 19.75
N PRO A 7 11.33 -15.80 20.29
CA PRO A 7 12.62 -15.14 20.46
C PRO A 7 13.54 -15.95 21.38
N ASN A 8 14.84 -15.90 21.09
CA ASN A 8 15.82 -16.61 21.89
C ASN A 8 15.70 -16.29 23.38
N GLY A 9 15.63 -17.32 24.21
CA GLY A 9 15.55 -17.13 25.65
C GLY A 9 14.12 -17.05 26.17
N PHE A 10 13.17 -17.06 25.25
CA PHE A 10 11.76 -17.03 25.62
C PHE A 10 11.21 -18.45 25.52
N GLU A 11 10.08 -18.70 26.18
CA GLU A 11 9.45 -20.00 26.11
C GLU A 11 8.00 -19.86 25.69
N SER A 12 7.53 -20.78 24.87
CA SER A 12 6.12 -20.84 24.51
C SER A 12 5.48 -21.83 25.48
N ALA A 13 4.38 -21.43 26.11
CA ALA A 13 3.75 -22.28 27.11
C ALA A 13 2.25 -22.04 27.10
N TYR A 14 1.52 -22.81 27.87
CA TYR A 14 0.08 -22.65 27.96
C TYR A 14 -0.32 -22.61 29.43
N ARG A 15 -1.43 -21.95 29.70
CA ARG A 15 -1.93 -21.91 31.06
C ARG A 15 -3.45 -21.99 31.04
N GLU A 16 -4.01 -22.95 31.77
CA GLU A 16 -5.46 -23.09 31.83
C GLU A 16 -6.03 -22.04 32.77
N VAL A 17 -7.00 -21.27 32.27
CA VAL A 17 -7.61 -20.20 33.05
C VAL A 17 -9.12 -20.28 32.90
N ASP A 18 -9.83 -20.48 34.01
CA ASP A 18 -11.29 -20.70 33.97
C ASP A 18 -11.68 -21.64 32.84
N GLY A 19 -10.95 -22.75 32.72
CA GLY A 19 -11.27 -23.79 31.77
C GLY A 19 -10.88 -23.48 30.34
N VAL A 20 -10.11 -22.42 30.16
CA VAL A 20 -9.63 -22.02 28.83
C VAL A 20 -8.10 -22.06 28.79
N LYS A 21 -7.57 -22.79 27.83
CA LYS A 21 -6.12 -22.90 27.67
C LYS A 21 -5.61 -21.72 26.87
N LEU A 22 -4.87 -20.84 27.55
CA LEU A 22 -4.29 -19.67 26.89
C LEU A 22 -2.85 -19.94 26.54
N HIS A 23 -2.48 -19.62 25.32
CA HIS A 23 -1.09 -19.66 24.89
C HIS A 23 -0.43 -18.33 25.19
N TYR A 24 0.84 -18.37 25.59
CA TYR A 24 1.59 -17.14 25.80
C TYR A 24 3.06 -17.42 25.58
N VAL A 25 3.83 -16.36 25.40
CA VAL A 25 5.28 -16.46 25.25
C VAL A 25 5.83 -15.60 26.36
N LYS A 26 6.79 -16.11 27.10
CA LYS A 26 7.25 -15.44 28.30
C LYS A 26 8.77 -15.44 28.34
N GLY A 27 9.34 -14.39 28.91
CA GLY A 27 10.78 -14.33 29.07
C GLY A 27 11.17 -13.16 29.95
N GLY A 28 12.44 -13.11 30.33
CA GLY A 28 12.94 -12.01 31.12
C GLY A 28 12.81 -12.23 32.61
N GLN A 29 13.18 -11.20 33.37
CA GLN A 29 13.13 -11.24 34.82
C GLN A 29 12.79 -9.84 35.32
N GLY A 30 12.20 -9.77 36.51
CA GLY A 30 11.82 -8.48 37.07
C GLY A 30 10.30 -8.34 37.08
N PRO A 31 9.79 -7.14 37.38
CA PRO A 31 8.34 -6.93 37.41
C PRO A 31 7.68 -7.34 36.10
N LEU A 32 6.45 -7.82 36.20
CA LEU A 32 5.74 -8.34 35.04
C LEU A 32 5.20 -7.25 34.13
N VAL A 33 5.39 -7.44 32.82
CA VAL A 33 4.68 -6.66 31.81
C VAL A 33 3.94 -7.60 30.88
N MET A 34 2.65 -7.38 30.71
CA MET A 34 1.85 -8.18 29.79
C MET A 34 1.55 -7.37 28.54
N LEU A 35 1.81 -7.95 27.37
CA LEU A 35 1.59 -7.26 26.09
C LEU A 35 0.46 -7.98 25.38
N VAL A 36 -0.61 -7.26 25.05
CA VAL A 36 -1.80 -7.87 24.46
C VAL A 36 -2.06 -7.37 23.03
N HIS A 37 -2.00 -8.31 22.08
CA HIS A 37 -2.10 -8.04 20.66
C HIS A 37 -3.54 -7.73 20.27
N GLY A 38 -3.75 -7.36 19.00
CA GLY A 38 -5.08 -7.04 18.51
C GLY A 38 -5.51 -7.81 17.28
N PHE A 39 -6.48 -7.28 16.54
CA PHE A 39 -7.03 -8.00 15.40
C PHE A 39 -6.04 -8.27 14.27
N GLY A 40 -6.11 -9.48 13.71
CA GLY A 40 -5.38 -9.83 12.51
C GLY A 40 -4.01 -10.36 12.88
N GLN A 41 -3.71 -10.38 14.17
CA GLN A 41 -2.37 -10.75 14.62
C GLN A 41 -2.39 -11.63 15.86
N THR A 42 -1.20 -11.83 16.42
CA THR A 42 -1.01 -12.69 17.58
C THR A 42 0.08 -12.09 18.46
N TRP A 43 0.46 -12.80 19.51
CA TRP A 43 1.55 -12.36 20.36
C TRP A 43 2.76 -11.90 19.53
N TYR A 44 2.94 -12.51 18.37
CA TYR A 44 4.11 -12.28 17.53
C TYR A 44 4.32 -10.82 17.13
N GLU A 45 3.27 -10.01 17.14
CA GLU A 45 3.48 -8.60 16.80
C GLU A 45 4.46 -7.92 17.77
N TRP A 46 4.59 -8.48 18.97
CA TRP A 46 5.47 -7.92 20.00
C TRP A 46 6.88 -8.50 19.98
N HIS A 47 7.15 -9.40 19.03
CA HIS A 47 8.42 -10.16 19.10
C HIS A 47 9.71 -9.31 19.05
N GLN A 48 9.65 -8.13 18.43
CA GLN A 48 10.83 -7.27 18.38
C GLN A 48 10.99 -6.44 19.64
N LEU A 49 9.87 -6.15 20.31
CA LEU A 49 9.89 -5.37 21.54
C LEU A 49 10.26 -6.26 22.75
N MET A 50 9.89 -7.53 22.69
CA MET A 50 9.98 -8.41 23.87
C MET A 50 11.40 -8.58 24.43
N PRO A 51 12.37 -8.92 23.56
CA PRO A 51 13.76 -9.08 24.01
C PRO A 51 14.28 -7.84 24.72
N GLU A 52 13.93 -6.65 24.23
CA GLU A 52 14.40 -5.41 24.84
CA GLU A 52 14.44 -5.44 24.87
C GLU A 52 13.79 -5.20 26.21
N LEU A 53 12.48 -5.43 26.31
CA LEU A 53 11.79 -5.35 27.60
C LEU A 53 12.30 -6.40 28.58
N ALA A 54 12.58 -7.59 28.08
CA ALA A 54 12.96 -8.70 28.93
C ALA A 54 14.29 -8.44 29.67
N LYS A 55 14.99 -7.37 29.29
CA LYS A 55 16.24 -7.01 29.95
C LYS A 55 15.96 -6.37 31.31
N ARG A 56 14.75 -5.85 31.48
CA ARG A 56 14.37 -5.15 32.71
C ARG A 56 13.12 -5.74 33.36
N PHE A 57 12.30 -6.44 32.58
CA PHE A 57 11.03 -6.97 33.09
C PHE A 57 10.88 -8.45 32.79
N THR A 58 9.95 -9.08 33.50
CA THR A 58 9.39 -10.35 33.07
C THR A 58 8.30 -10.02 32.04
N VAL A 59 8.42 -10.56 30.83
CA VAL A 59 7.49 -10.21 29.75
C VAL A 59 6.60 -11.38 29.39
N ILE A 60 5.29 -11.15 29.36
CA ILE A 60 4.34 -12.17 28.90
CA ILE A 60 4.36 -12.17 28.89
C ILE A 60 3.44 -11.63 27.80
N ALA A 61 3.37 -12.36 26.69
CA ALA A 61 2.54 -11.98 25.58
C ALA A 61 1.58 -13.13 25.26
N PRO A 62 0.32 -13.02 25.72
CA PRO A 62 -0.66 -14.07 25.45
C PRO A 62 -1.34 -13.93 24.09
N ASP A 63 -1.83 -15.04 23.55
CA ASP A 63 -2.76 -14.99 22.44
C ASP A 63 -4.16 -14.77 23.01
N LEU A 64 -4.89 -13.81 22.45
CA LEU A 64 -6.28 -13.57 22.83
C LEU A 64 -7.09 -14.84 22.64
N PRO A 65 -8.10 -15.07 23.51
CA PRO A 65 -8.86 -16.30 23.37
C PRO A 65 -9.38 -16.50 21.95
N GLY A 66 -9.19 -17.70 21.43
CA GLY A 66 -9.62 -18.01 20.08
C GLY A 66 -8.61 -17.69 18.99
N LEU A 67 -7.72 -16.73 19.26
CA LEU A 67 -6.71 -16.32 18.28
C LEU A 67 -5.36 -16.98 18.58
N GLY A 68 -4.46 -16.96 17.62
CA GLY A 68 -3.19 -17.63 17.78
C GLY A 68 -3.43 -19.04 18.27
N GLN A 69 -2.71 -19.44 19.30
CA GLN A 69 -2.84 -20.80 19.83
C GLN A 69 -3.66 -20.86 21.11
N SER A 70 -4.46 -19.83 21.37
CA SER A 70 -5.33 -19.84 22.55
C SER A 70 -6.71 -20.39 22.24
N GLU A 71 -7.29 -21.14 23.18
CA GLU A 71 -8.65 -21.62 23.00
C GLU A 71 -9.64 -20.47 23.09
N PRO A 72 -10.77 -20.59 22.39
CA PRO A 72 -11.86 -19.61 22.47
C PRO A 72 -12.38 -19.50 23.88
N PRO A 73 -12.97 -18.35 24.23
CA PRO A 73 -13.46 -18.13 25.60
C PRO A 73 -14.70 -18.96 25.84
N LYS A 74 -14.91 -19.38 27.08
CA LYS A 74 -16.06 -20.18 27.44
C LYS A 74 -17.28 -19.31 27.76
N THR A 75 -17.01 -18.11 28.27
CA THR A 75 -18.06 -17.19 28.69
C THR A 75 -18.60 -16.40 27.50
N GLY A 76 -17.73 -15.62 26.87
CA GLY A 76 -18.11 -14.86 25.69
C GLY A 76 -17.01 -13.91 25.25
N TYR A 77 -17.31 -13.06 24.28
CA TYR A 77 -16.28 -12.21 23.69
C TYR A 77 -16.37 -10.74 24.06
N SER A 78 -17.28 -10.37 24.96
CA SER A 78 -17.38 -8.98 25.34
C SER A 78 -16.11 -8.64 26.10
N GLY A 79 -15.76 -7.35 26.16
CA GLY A 79 -14.52 -6.97 26.82
C GLY A 79 -14.46 -7.42 28.28
N GLU A 80 -15.59 -7.34 28.97
CA GLU A 80 -15.60 -7.67 30.40
C GLU A 80 -15.33 -9.16 30.61
N GLN A 81 -15.84 -9.97 29.70
CA GLN A 81 -15.67 -11.40 29.82
C GLN A 81 -14.23 -11.82 29.52
N VAL A 82 -13.70 -11.33 28.42
CA VAL A 82 -12.34 -11.68 28.01
C VAL A 82 -11.31 -11.14 28.97
N ALA A 83 -11.55 -9.95 29.51
CA ALA A 83 -10.60 -9.31 30.41
C ALA A 83 -10.37 -10.14 31.67
N VAL A 84 -11.37 -10.89 32.09
CA VAL A 84 -11.20 -11.77 33.24
C VAL A 84 -10.08 -12.78 32.98
N TYR A 85 -10.10 -13.41 31.81
CA TYR A 85 -9.06 -14.40 31.45
C TYR A 85 -7.67 -13.78 31.48
N LEU A 86 -7.57 -12.57 30.93
CA LEU A 86 -6.27 -11.91 30.86
C LEU A 86 -5.78 -11.46 32.24
N HIS A 87 -6.67 -10.92 33.05
CA HIS A 87 -6.31 -10.53 34.42
C HIS A 87 -5.83 -11.73 35.24
N LYS A 88 -6.60 -12.81 35.24
CA LYS A 88 -6.20 -13.99 36.01
C LYS A 88 -4.86 -14.56 35.52
N LEU A 89 -4.64 -14.53 34.21
CA LEU A 89 -3.36 -15.01 33.67
C LEU A 89 -2.22 -14.17 34.21
N ALA A 90 -2.35 -12.85 34.12
CA ALA A 90 -1.30 -11.96 34.58
C ALA A 90 -1.03 -12.19 36.05
N ARG A 91 -2.10 -12.31 36.82
CA ARG A 91 -1.98 -12.41 38.26
C ARG A 91 -1.41 -13.75 38.72
N GLN A 92 -1.44 -14.76 37.88
CA GLN A 92 -0.74 -16.01 38.21
C GLN A 92 0.77 -15.81 38.29
N PHE A 93 1.32 -14.98 37.39
CA PHE A 93 2.76 -14.72 37.36
C PHE A 93 3.17 -13.52 38.24
N SER A 94 2.20 -12.69 38.60
CA SER A 94 2.46 -11.57 39.50
C SER A 94 1.38 -11.49 40.57
N PRO A 95 1.35 -12.48 41.48
CA PRO A 95 0.24 -12.56 42.45
C PRO A 95 0.31 -11.52 43.57
N ASP A 96 1.51 -11.01 43.87
CA ASP A 96 1.70 -10.14 45.03
C ASP A 96 2.20 -8.75 44.66
N ARG A 97 2.11 -8.40 43.38
CA ARG A 97 2.61 -7.10 42.93
C ARG A 97 1.84 -6.64 41.70
N PRO A 98 1.66 -5.33 41.54
CA PRO A 98 1.01 -4.84 40.32
C PRO A 98 1.90 -5.11 39.11
N PHE A 99 1.29 -5.14 37.94
CA PHE A 99 2.03 -5.37 36.69
C PHE A 99 1.71 -4.27 35.70
N ASP A 100 2.53 -4.19 34.66
CA ASP A 100 2.32 -3.23 33.57
C ASP A 100 1.53 -3.89 32.44
N LEU A 101 0.81 -3.06 31.68
CA LEU A 101 0.01 -3.54 30.56
C LEU A 101 0.29 -2.71 29.32
N VAL A 102 0.51 -3.38 28.20
CA VAL A 102 0.60 -2.73 26.89
C VAL A 102 -0.39 -3.46 25.99
N ALA A 103 -1.27 -2.71 25.32
CA ALA A 103 -2.27 -3.33 24.48
C ALA A 103 -2.49 -2.55 23.18
N HIS A 104 -2.80 -3.29 22.12
CA HIS A 104 -2.93 -2.74 20.77
C HIS A 104 -4.24 -3.20 20.16
N SER A 105 -4.95 -2.31 19.45
CA SER A 105 -6.13 -2.77 18.72
C SER A 105 -7.14 -3.36 19.72
N ILE A 106 -7.73 -4.51 19.40
CA ILE A 106 -8.77 -5.08 20.26
C ILE A 106 -8.23 -5.60 21.60
N GLY A 107 -6.91 -5.62 21.75
CA GLY A 107 -6.31 -5.87 23.05
C GLY A 107 -6.75 -4.83 24.06
N ILE A 108 -7.00 -3.62 23.60
CA ILE A 108 -7.59 -2.58 24.46
C ILE A 108 -8.99 -2.97 24.94
N TRP A 109 -9.83 -3.38 24.01
CA TRP A 109 -11.20 -3.77 24.32
C TRP A 109 -11.20 -4.84 25.40
N ASN A 110 -10.22 -5.75 25.29
CA ASN A 110 -10.19 -6.94 26.12
C ASN A 110 -9.40 -6.77 27.41
N THR A 111 -8.90 -5.56 27.64
CA THR A 111 -8.19 -5.28 28.89
C THR A 111 -8.81 -4.13 29.66
N TYR A 112 -9.44 -3.19 28.97
CA TYR A 112 -9.96 -2.04 29.70
C TYR A 112 -10.78 -2.41 30.95
N PRO A 113 -11.74 -3.35 30.83
CA PRO A 113 -12.54 -3.67 32.02
C PRO A 113 -11.71 -4.23 33.20
N MET A 114 -10.69 -5.05 32.94
CA MET A 114 -9.89 -5.55 34.06
C MET A 114 -9.03 -4.45 34.67
N VAL A 115 -8.65 -3.47 33.86
CA VAL A 115 -7.87 -2.35 34.39
C VAL A 115 -8.71 -1.50 35.31
N VAL A 116 -9.90 -1.12 34.85
CA VAL A 116 -10.72 -0.19 35.61
C VAL A 116 -11.28 -0.87 36.85
N LYS A 117 -11.46 -2.18 36.77
CA LYS A 117 -11.99 -2.96 37.90
C LYS A 117 -10.94 -3.40 38.92
N ASN A 118 -9.67 -3.40 38.53
CA ASN A 118 -8.58 -3.82 39.41
C ASN A 118 -7.44 -2.81 39.37
N GLN A 119 -7.76 -1.55 39.59
CA GLN A 119 -6.77 -0.48 39.37
C GLN A 119 -5.46 -0.70 40.13
N ALA A 120 -5.52 -1.29 41.32
CA ALA A 120 -4.31 -1.49 42.11
C ALA A 120 -3.36 -2.55 41.53
N ASP A 121 -3.86 -3.40 40.63
CA ASP A 121 -3.05 -4.46 40.03
C ASP A 121 -2.26 -3.96 38.83
N ILE A 122 -2.58 -2.76 38.36
CA ILE A 122 -1.98 -2.19 37.15
C ILE A 122 -1.04 -1.03 37.48
N ALA A 123 0.26 -1.25 37.36
CA ALA A 123 1.23 -0.21 37.69
C ALA A 123 1.25 0.92 36.67
N ARG A 124 1.38 0.57 35.41
CA ARG A 124 1.46 1.56 34.34
C ARG A 124 0.80 0.95 33.12
N LEU A 125 0.32 1.79 32.23
CA LEU A 125 -0.54 1.34 31.14
C LEU A 125 -0.14 2.03 29.85
N VAL A 126 -0.08 1.27 28.75
CA VAL A 126 0.16 1.83 27.43
C VAL A 126 -0.89 1.26 26.48
N TYR A 127 -1.68 2.12 25.86
CA TYR A 127 -2.70 1.71 24.90
C TYR A 127 -2.37 2.31 23.54
N MET A 128 -2.51 1.53 22.49
CA MET A 128 -2.23 2.06 21.17
C MET A 128 -3.22 1.60 20.12
N GLU A 129 -3.63 2.55 19.28
CA GLU A 129 -4.31 2.21 18.03
C GLU A 129 -5.61 1.42 18.17
N ALA A 130 -6.56 2.02 18.86
CA ALA A 130 -7.94 1.54 18.87
C ALA A 130 -8.76 2.35 19.84
N PRO A 131 -10.04 2.56 19.50
CA PRO A 131 -10.91 3.23 20.46
C PRO A 131 -11.26 2.28 21.60
N ILE A 132 -11.33 2.81 22.81
CA ILE A 132 -11.97 2.09 23.90
C ILE A 132 -13.43 2.01 23.47
N PRO A 133 -14.06 0.83 23.65
CA PRO A 133 -15.45 0.83 23.17
C PRO A 133 -16.35 1.75 23.99
N ASP A 134 -16.89 2.76 23.32
CA ASP A 134 -17.88 3.66 23.94
C ASP A 134 -18.68 4.33 22.82
N ALA A 135 -19.55 5.28 23.18
CA ALA A 135 -20.40 5.94 22.20
C ALA A 135 -19.62 6.62 21.05
N ARG A 136 -18.34 6.91 21.25
CA ARG A 136 -17.56 7.58 20.21
C ARG A 136 -17.47 6.74 18.93
N ILE A 137 -17.52 5.42 19.05
CA ILE A 137 -17.35 4.60 17.86
C ILE A 137 -18.49 4.76 16.87
N TYR A 138 -19.63 5.28 17.33
CA TYR A 138 -20.79 5.43 16.47
C TYR A 138 -20.68 6.69 15.63
N ARG A 139 -19.60 7.42 15.83
CA ARG A 139 -19.43 8.69 15.12
C ARG A 139 -18.45 8.59 13.95
N PHE A 140 -17.71 7.48 13.86
CA PHE A 140 -16.80 7.28 12.75
C PHE A 140 -17.61 7.12 11.47
N PRO A 141 -17.11 7.65 10.35
CA PRO A 141 -17.82 7.61 9.07
C PRO A 141 -17.67 6.28 8.33
N ALA A 142 -18.71 5.90 7.60
CA ALA A 142 -18.71 4.70 6.79
C ALA A 142 -17.84 4.86 5.56
N PHE A 143 -17.58 6.10 5.18
CA PHE A 143 -16.97 6.40 3.89
C PHE A 143 -16.36 7.80 3.93
N THR A 144 -15.21 7.98 3.30
CA THR A 144 -14.50 9.24 3.37
C THR A 144 -14.19 9.76 1.97
N ALA A 145 -13.80 11.03 1.92
CA ALA A 145 -13.45 11.68 0.66
C ALA A 145 -12.23 11.06 -0.02
N GLN A 146 -11.48 10.24 0.71
CA GLN A 146 -10.33 9.52 0.14
C GLN A 146 -10.63 8.07 -0.21
N GLY A 147 -11.78 7.56 0.25
CA GLY A 147 -12.18 6.19 -0.01
C GLY A 147 -12.59 5.47 1.26
N GLU A 148 -12.15 4.22 1.43
CA GLU A 148 -12.62 3.41 2.55
C GLU A 148 -12.20 4.00 3.91
N SER A 149 -13.13 3.96 4.87
CA SER A 149 -12.91 4.57 6.18
C SER A 149 -12.20 3.65 7.14
N LEU A 150 -11.83 4.20 8.29
CA LEU A 150 -11.05 3.45 9.27
C LEU A 150 -11.80 2.26 9.83
N VAL A 151 -13.11 2.38 10.07
CA VAL A 151 -13.73 1.33 10.85
C VAL A 151 -15.01 0.75 10.27
N TRP A 152 -15.15 0.82 8.95
CA TRP A 152 -16.27 0.19 8.30
C TRP A 152 -16.27 -1.30 8.56
N HIS A 153 -15.09 -1.88 8.80
CA HIS A 153 -15.01 -3.30 9.08
C HIS A 153 -15.79 -3.67 10.36
N PHE A 154 -16.03 -2.70 11.23
CA PHE A 154 -16.87 -2.97 12.41
C PHE A 154 -18.20 -3.56 11.94
N SER A 155 -18.85 -2.90 10.97
CA SER A 155 -20.16 -3.37 10.47
C SER A 155 -20.01 -4.71 9.75
N PHE A 156 -19.03 -4.79 8.86
CA PHE A 156 -18.72 -6.03 8.13
C PHE A 156 -18.57 -7.21 9.09
N PHE A 157 -17.69 -7.07 10.08
CA PHE A 157 -17.39 -8.15 11.00
C PHE A 157 -18.55 -8.47 11.94
N ALA A 158 -19.34 -7.46 12.29
CA ALA A 158 -20.44 -7.69 13.21
C ALA A 158 -21.72 -8.18 12.53
N ALA A 159 -21.75 -8.12 11.21
CA ALA A 159 -22.97 -8.48 10.47
C ALA A 159 -23.39 -9.91 10.81
N ASP A 160 -24.70 -10.14 10.76
N ASP A 160 -24.69 -10.16 10.81
CA ASP A 160 -25.31 -11.42 11.06
CA ASP A 160 -25.18 -11.49 11.16
C ASP A 160 -25.04 -12.45 9.97
C ASP A 160 -25.05 -12.45 9.98
N ASP A 161 -25.54 -13.66 10.16
CA ASP A 161 -25.48 -14.69 9.13
C ASP A 161 -24.05 -15.11 8.80
N ARG A 162 -23.14 -14.90 9.74
N ARG A 162 -23.14 -14.89 9.75
CA ARG A 162 -21.72 -15.19 9.50
CA ARG A 162 -21.72 -15.17 9.53
C ARG A 162 -21.28 -14.59 8.18
C ARG A 162 -21.26 -14.58 8.20
N LEU A 163 -21.76 -13.40 7.87
CA LEU A 163 -21.41 -12.75 6.61
C LEU A 163 -19.88 -12.75 6.38
N ALA A 164 -19.12 -12.29 7.37
CA ALA A 164 -17.67 -12.14 7.19
C ALA A 164 -16.94 -13.46 6.99
N GLU A 165 -17.21 -14.45 7.85
CA GLU A 165 -16.56 -15.76 7.73
C GLU A 165 -16.89 -16.41 6.40
N THR A 166 -18.12 -16.24 5.96
CA THR A 166 -18.58 -16.90 4.76
C THR A 166 -17.85 -16.34 3.54
N LEU A 167 -17.66 -15.03 3.51
CA LEU A 167 -17.00 -14.41 2.37
C LEU A 167 -15.49 -14.61 2.44
N ILE A 168 -14.95 -14.56 3.65
CA ILE A 168 -13.50 -14.60 3.81
C ILE A 168 -12.89 -16.02 3.87
N ALA A 169 -13.68 -17.01 4.30
CA ALA A 169 -13.17 -18.38 4.35
C ALA A 169 -12.60 -18.81 2.99
N GLY A 170 -11.38 -19.30 2.98
CA GLY A 170 -10.72 -19.68 1.73
C GLY A 170 -9.98 -18.52 1.05
N LYS A 171 -10.17 -17.32 1.57
CA LYS A 171 -9.49 -16.15 1.00
C LYS A 171 -8.85 -15.32 2.11
N GLU A 172 -8.46 -16.00 3.20
CA GLU A 172 -7.95 -15.34 4.39
C GLU A 172 -6.64 -14.59 4.13
N ARG A 173 -5.76 -15.23 3.37
CA ARG A 173 -4.46 -14.62 3.04
C ARG A 173 -4.66 -13.38 2.16
N PHE A 174 -5.58 -13.48 1.21
CA PHE A 174 -5.90 -12.31 0.40
C PHE A 174 -6.50 -11.20 1.26
N PHE A 175 -7.46 -11.55 2.10
CA PHE A 175 -8.16 -10.53 2.88
C PHE A 175 -7.21 -9.85 3.88
N LEU A 176 -6.38 -10.64 4.55
CA LEU A 176 -5.50 -10.08 5.57
C LEU A 176 -4.49 -9.09 4.99
N GLU A 177 -3.92 -9.42 3.83
CA GLU A 177 -3.01 -8.47 3.19
C GLU A 177 -3.73 -7.17 2.91
N HIS A 178 -4.92 -7.26 2.31
CA HIS A 178 -5.63 -6.04 2.01
C HIS A 178 -5.94 -5.22 3.27
N PHE A 179 -6.46 -5.88 4.29
CA PHE A 179 -6.83 -5.20 5.52
C PHE A 179 -5.60 -4.55 6.15
N ILE A 180 -4.52 -5.32 6.28
CA ILE A 180 -3.34 -4.79 6.96
C ILE A 180 -2.77 -3.61 6.19
N LYS A 181 -2.57 -3.80 4.89
CA LYS A 181 -1.97 -2.74 4.08
C LYS A 181 -2.84 -1.48 3.96
N SER A 182 -4.15 -1.67 3.82
CA SER A 182 -5.05 -0.53 3.75
C SER A 182 -5.03 0.29 5.04
N HIS A 183 -4.64 -0.33 6.14
CA HIS A 183 -4.54 0.37 7.44
C HIS A 183 -3.10 0.73 7.80
N ALA A 184 -2.20 0.67 6.81
CA ALA A 184 -0.78 0.96 7.03
C ALA A 184 -0.30 2.20 6.29
N SER A 185 0.75 2.80 6.84
CA SER A 185 1.49 3.87 6.16
C SER A 185 2.76 3.29 5.57
N ASN A 186 3.51 2.56 6.38
CA ASN A 186 4.72 1.88 5.93
CA ASN A 186 4.74 1.88 5.99
C ASN A 186 4.38 0.45 5.55
N THR A 187 3.79 0.30 4.36
CA THR A 187 3.29 -1.01 3.93
C THR A 187 4.41 -2.03 3.69
N GLU A 188 5.59 -1.54 3.36
CA GLU A 188 6.72 -2.38 2.95
CA GLU A 188 6.70 -2.39 2.94
C GLU A 188 7.16 -3.41 4.00
N VAL A 189 6.82 -3.17 5.27
CA VAL A 189 7.22 -4.08 6.33
C VAL A 189 6.40 -5.36 6.34
N PHE A 190 5.26 -5.35 5.66
CA PHE A 190 4.45 -6.55 5.58
C PHE A 190 4.82 -7.35 4.34
N SER A 191 5.97 -8.03 4.44
CA SER A 191 6.46 -8.91 3.39
C SER A 191 5.49 -10.04 3.19
N GLU A 192 5.58 -10.71 2.05
CA GLU A 192 4.71 -11.85 1.81
C GLU A 192 4.92 -12.92 2.87
N ARG A 193 6.17 -13.07 3.32
CA ARG A 193 6.50 -14.07 4.33
C ARG A 193 5.83 -13.82 5.69
N LEU A 194 5.84 -12.57 6.14
CA LEU A 194 5.19 -12.22 7.39
C LEU A 194 3.67 -12.37 7.26
N LEU A 195 3.13 -11.92 6.13
CA LEU A 195 1.69 -12.05 5.88
C LEU A 195 1.25 -13.51 5.86
N ASP A 196 2.10 -14.39 5.33
CA ASP A 196 1.81 -15.83 5.31
C ASP A 196 1.66 -16.35 6.74
N LEU A 197 2.56 -15.91 7.62
CA LEU A 197 2.52 -16.35 9.02
C LEU A 197 1.23 -15.95 9.70
N TYR A 198 0.89 -14.66 9.60
CA TYR A 198 -0.35 -14.19 10.21
C TYR A 198 -1.61 -14.81 9.61
N ALA A 199 -1.64 -14.97 8.28
CA ALA A 199 -2.82 -15.53 7.62
C ALA A 199 -3.04 -16.99 7.99
N ARG A 200 -1.96 -17.77 8.09
CA ARG A 200 -2.10 -19.18 8.44
C ARG A 200 -2.71 -19.33 9.83
N SER A 201 -2.39 -18.41 10.74
CA SER A 201 -2.94 -18.49 12.08
C SER A 201 -4.43 -18.13 12.11
N TYR A 202 -4.80 -17.01 11.53
CA TYR A 202 -6.22 -16.63 11.63
C TYR A 202 -7.12 -17.38 10.67
N ALA A 203 -6.51 -18.20 9.80
CA ALA A 203 -7.27 -19.05 8.90
C ALA A 203 -7.79 -20.32 9.59
N LYS A 204 -7.30 -20.63 10.78
CA LYS A 204 -7.92 -21.71 11.56
C LYS A 204 -9.38 -21.30 11.76
N PRO A 205 -10.32 -22.17 11.35
CA PRO A 205 -11.75 -21.84 11.39
C PRO A 205 -12.22 -21.23 12.71
N HIS A 206 -11.86 -21.83 13.85
CA HIS A 206 -12.27 -21.26 15.13
C HIS A 206 -11.63 -19.89 15.39
N SER A 207 -10.48 -19.64 14.76
CA SER A 207 -9.80 -18.34 14.90
C SER A 207 -10.45 -17.27 14.04
N LEU A 208 -10.84 -17.65 12.83
CA LEU A 208 -11.53 -16.73 11.93
C LEU A 208 -12.85 -16.33 12.57
N ASN A 209 -13.54 -17.30 13.15
CA ASN A 209 -14.81 -17.00 13.81
C ASN A 209 -14.58 -16.16 15.06
N ALA A 210 -13.61 -16.54 15.88
CA ALA A 210 -13.27 -15.76 17.07
C ALA A 210 -12.96 -14.31 16.71
N SER A 211 -12.16 -14.12 15.66
CA SER A 211 -11.82 -12.76 15.22
C SER A 211 -13.08 -11.88 15.11
N PHE A 212 -14.11 -12.43 14.50
CA PHE A 212 -15.33 -11.64 14.29
C PHE A 212 -16.26 -11.58 15.50
N GLU A 213 -16.20 -12.60 16.37
CA GLU A 213 -17.02 -12.57 17.57
C GLU A 213 -16.69 -11.36 18.45
N TYR A 214 -15.42 -10.94 18.45
CA TYR A 214 -15.03 -9.75 19.21
C TYR A 214 -15.77 -8.51 18.76
N TYR A 215 -16.05 -8.42 17.46
CA TYR A 215 -16.80 -7.30 16.88
C TYR A 215 -18.29 -7.46 17.07
N ARG A 216 -18.75 -8.72 17.10
CA ARG A 216 -20.15 -9.03 17.36
C ARG A 216 -20.52 -8.73 18.80
N ALA A 217 -19.53 -8.67 19.68
CA ALA A 217 -19.74 -8.31 21.07
C ALA A 217 -19.42 -6.82 21.35
N LEU A 218 -19.07 -6.08 20.30
CA LEU A 218 -18.63 -4.70 20.48
C LEU A 218 -19.71 -3.83 21.14
N ASN A 219 -20.95 -3.92 20.68
CA ASN A 219 -22.01 -3.14 21.31
C ASN A 219 -22.27 -3.51 22.76
N GLU A 220 -22.10 -4.78 23.09
CA GLU A 220 -22.19 -5.19 24.50
C GLU A 220 -21.06 -4.56 25.31
N SER A 221 -19.86 -4.53 24.74
CA SER A 221 -18.72 -3.94 25.44
C SER A 221 -18.95 -2.44 25.62
N VAL A 222 -19.50 -1.79 24.60
CA VAL A 222 -19.85 -0.38 24.77
C VAL A 222 -20.79 -0.19 25.95
N ARG A 223 -21.81 -1.06 26.04
CA ARG A 223 -22.75 -0.98 27.17
C ARG A 223 -22.06 -1.22 28.52
N GLN A 224 -21.16 -2.20 28.56
CA GLN A 224 -20.39 -2.47 29.78
C GLN A 224 -19.54 -1.28 30.21
N ASN A 225 -18.88 -0.66 29.23
CA ASN A 225 -17.95 0.41 29.54
C ASN A 225 -18.67 1.68 29.99
N ALA A 226 -19.92 1.85 29.57
CA ALA A 226 -20.72 2.99 30.00
C ALA A 226 -20.83 3.07 31.53
N GLU A 227 -20.94 1.91 32.17
CA GLU A 227 -20.95 1.81 33.64
C GLU A 227 -19.54 1.90 34.25
N LEU A 228 -18.63 1.08 33.72
CA LEU A 228 -17.28 1.02 34.26
C LEU A 228 -16.59 2.38 34.22
N ALA A 229 -16.89 3.15 33.18
CA ALA A 229 -16.19 4.42 32.96
C ALA A 229 -16.60 5.52 33.95
N LYS A 230 -17.54 5.22 34.83
CA LYS A 230 -17.89 6.18 35.86
C LYS A 230 -16.70 6.37 36.82
N THR A 231 -15.74 5.46 36.76
CA THR A 231 -14.51 5.57 37.53
C THR A 231 -13.31 5.80 36.64
N ARG A 232 -12.62 6.92 36.84
CA ARG A 232 -11.44 7.26 36.05
C ARG A 232 -10.25 6.37 36.38
N LEU A 233 -9.38 6.14 35.39
CA LEU A 233 -8.11 5.46 35.64
C LEU A 233 -7.15 6.38 36.36
N GLN A 234 -6.48 5.86 37.39
CA GLN A 234 -5.61 6.69 38.23
C GLN A 234 -4.11 6.46 38.00
N MET A 235 -3.75 5.37 37.31
CA MET A 235 -2.33 5.02 37.12
C MET A 235 -1.71 5.74 35.93
N PRO A 236 -0.38 5.87 35.90
CA PRO A 236 0.22 6.53 34.73
C PRO A 236 -0.11 5.77 33.44
N THR A 237 -0.59 6.50 32.44
CA THR A 237 -0.97 5.93 31.16
CA THR A 237 -0.91 5.89 31.16
C THR A 237 -0.26 6.66 30.01
N MET A 238 0.04 5.94 28.94
CA MET A 238 0.55 6.54 27.72
C MET A 238 -0.28 5.98 26.56
N THR A 239 -0.65 6.84 25.62
CA THR A 239 -1.27 6.37 24.38
C THR A 239 -0.34 6.64 23.22
N LEU A 240 -0.30 5.71 22.28
CA LEU A 240 0.39 5.92 21.00
C LEU A 240 -0.59 5.72 19.86
N ALA A 241 -0.40 6.47 18.78
CA ALA A 241 -1.25 6.32 17.62
C ALA A 241 -0.45 6.68 16.38
N GLY A 242 -0.77 6.06 15.26
CA GLY A 242 -0.15 6.42 13.99
C GLY A 242 -0.66 7.75 13.48
N GLY A 243 0.24 8.57 12.94
CA GLY A 243 -0.16 9.83 12.34
C GLY A 243 -0.33 9.71 10.85
N GLY A 244 0.05 8.55 10.30
CA GLY A 244 -0.01 8.33 8.87
C GLY A 244 -1.28 7.63 8.41
N HIS A 245 -1.30 7.23 7.14
CA HIS A 245 -2.42 6.50 6.58
C HIS A 245 -2.84 5.33 7.47
N GLY A 246 -4.12 5.28 7.84
CA GLY A 246 -4.64 4.17 8.62
C GLY A 246 -4.51 4.29 10.14
N GLY A 247 -3.87 5.35 10.60
CA GLY A 247 -3.69 5.58 12.02
C GLY A 247 -4.85 6.33 12.69
N MET A 248 -4.98 6.15 14.01
CA MET A 248 -6.03 6.84 14.79
C MET A 248 -5.76 8.32 15.00
N GLY A 249 -4.52 8.76 14.79
CA GLY A 249 -4.20 10.18 14.94
C GLY A 249 -4.50 10.71 16.33
N THR A 250 -4.97 11.95 16.40
CA THR A 250 -5.23 12.60 17.68
C THR A 250 -6.39 11.97 18.47
N PHE A 251 -7.15 11.10 17.82
CA PHE A 251 -8.33 10.52 18.49
C PHE A 251 -7.91 9.74 19.73
N GLN A 252 -6.79 9.02 19.62
CA GLN A 252 -6.36 8.09 20.68
C GLN A 252 -6.21 8.81 22.02
N LEU A 253 -5.47 9.90 22.02
CA LEU A 253 -5.23 10.68 23.23
C LEU A 253 -6.49 11.41 23.67
N GLU A 254 -7.18 12.05 22.74
CA GLU A 254 -8.39 12.78 23.10
C GLU A 254 -9.41 11.91 23.83
N GLN A 255 -9.65 10.69 23.34
CA GLN A 255 -10.55 9.77 24.05
C GLN A 255 -9.97 9.35 25.39
N MET A 256 -8.68 9.01 25.42
CA MET A 256 -8.07 8.54 26.65
C MET A 256 -8.17 9.58 27.76
N LYS A 257 -8.11 10.86 27.41
CA LYS A 257 -8.22 11.90 28.42
C LYS A 257 -9.53 11.79 29.20
N ALA A 258 -10.59 11.34 28.53
CA ALA A 258 -11.86 11.15 29.23
C ALA A 258 -11.81 9.97 30.20
N TYR A 259 -10.82 9.10 30.04
CA TYR A 259 -10.74 7.89 30.86
C TYR A 259 -9.65 7.90 31.94
N ALA A 260 -8.61 8.70 31.76
CA ALA A 260 -7.47 8.65 32.67
C ALA A 260 -7.08 10.03 33.16
N GLU A 261 -6.72 10.14 34.44
CA GLU A 261 -6.27 11.40 35.03
CA GLU A 261 -6.30 11.44 34.93
C GLU A 261 -4.85 11.73 34.60
N ASP A 262 -4.04 10.69 34.42
CA ASP A 262 -2.62 10.83 34.16
C ASP A 262 -2.27 10.21 32.81
N VAL A 263 -2.32 10.99 31.75
CA VAL A 263 -2.04 10.45 30.42
C VAL A 263 -1.16 11.36 29.58
N GLU A 264 -0.21 10.76 28.89
CA GLU A 264 0.54 11.47 27.87
C GLU A 264 0.37 10.69 26.58
N GLY A 265 0.27 11.40 25.46
CA GLY A 265 0.03 10.75 24.19
C GLY A 265 1.03 11.16 23.12
N HIS A 266 1.26 10.26 22.18
CA HIS A 266 2.14 10.54 21.05
C HIS A 266 1.47 10.08 19.79
N VAL A 267 1.57 10.89 18.76
CA VAL A 267 1.17 10.49 17.42
C VAL A 267 2.44 10.33 16.60
N LEU A 268 2.66 9.14 16.06
CA LEU A 268 3.91 8.86 15.36
C LEU A 268 3.73 9.13 13.86
N PRO A 269 4.47 10.11 13.33
CA PRO A 269 4.32 10.48 11.91
C PRO A 269 4.80 9.40 10.97
N GLY A 270 4.13 9.24 9.83
CA GLY A 270 4.51 8.25 8.84
C GLY A 270 4.31 6.81 9.30
N CYS A 271 3.47 6.63 10.32
CA CYS A 271 3.08 5.30 10.80
C CYS A 271 1.57 5.18 10.82
N GLY A 272 1.07 4.03 10.36
CA GLY A 272 -0.36 3.76 10.40
C GLY A 272 -0.81 3.06 11.66
N HIS A 273 -1.63 2.04 11.47
CA HIS A 273 -2.25 1.31 12.56
C HIS A 273 -1.30 0.33 13.28
N TRP A 274 -0.35 -0.22 12.53
CA TRP A 274 0.43 -1.36 13.00
C TRP A 274 1.79 -0.93 13.55
N LEU A 275 1.75 -0.15 14.62
CA LEU A 275 2.94 0.51 15.14
C LEU A 275 4.14 -0.41 15.41
N PRO A 276 3.92 -1.57 16.06
CA PRO A 276 5.09 -2.42 16.37
C PRO A 276 5.91 -2.82 15.14
N GLU A 277 5.28 -2.96 13.98
CA GLU A 277 5.98 -3.38 12.78
C GLU A 277 6.34 -2.19 11.87
N GLU A 278 5.41 -1.25 11.69
CA GLU A 278 5.69 -0.12 10.80
C GLU A 278 6.71 0.86 11.38
N CYS A 279 6.70 1.01 12.69
CA CYS A 279 7.54 2.01 13.32
C CYS A 279 8.19 1.47 14.59
N ALA A 280 8.83 0.31 14.44
CA ALA A 280 9.45 -0.41 15.55
C ALA A 280 10.42 0.40 16.41
N ALA A 281 11.34 1.12 15.78
CA ALA A 281 12.35 1.87 16.54
C ALA A 281 11.72 2.91 17.47
N PRO A 282 10.91 3.84 16.94
CA PRO A 282 10.36 4.85 17.86
C PRO A 282 9.31 4.28 18.82
N MET A 283 8.51 3.33 18.34
CA MET A 283 7.50 2.74 19.22
C MET A 283 8.13 1.99 20.38
N ASN A 284 9.11 1.14 20.09
CA ASN A 284 9.80 0.40 21.13
C ASN A 284 10.45 1.33 22.16
N ARG A 285 11.10 2.38 21.66
CA ARG A 285 11.75 3.34 22.51
C ARG A 285 10.75 3.97 23.47
N LEU A 286 9.61 4.39 22.93
CA LEU A 286 8.63 5.09 23.74
C LEU A 286 8.08 4.19 24.85
N VAL A 287 7.79 2.94 24.52
CA VAL A 287 7.25 1.97 25.48
C VAL A 287 8.27 1.61 26.57
N ILE A 288 9.49 1.32 26.14
CA ILE A 288 10.57 0.95 27.10
C ILE A 288 10.85 2.10 28.07
N ASP A 289 10.98 3.32 27.54
CA ASP A 289 11.22 4.47 28.39
C ASP A 289 10.06 4.72 29.36
N PHE A 290 8.83 4.62 28.85
CA PHE A 290 7.67 4.88 29.69
C PHE A 290 7.56 3.88 30.84
N LEU A 291 7.76 2.60 30.55
CA LEU A 291 7.64 1.56 31.57
C LEU A 291 8.81 1.58 32.53
N SER A 292 9.95 2.11 32.07
CA SER A 292 11.16 2.14 32.88
C SER A 292 11.23 3.35 33.82
N ARG A 293 10.15 4.14 33.87
CA ARG A 293 10.04 5.18 34.90
C ARG A 293 9.60 4.54 36.22
N GLY A 294 9.02 3.35 36.14
CA GLY A 294 8.71 2.55 37.31
C GLY A 294 9.84 1.58 37.61
N ARG A 295 9.99 1.21 38.88
CA ARG A 295 11.06 0.32 39.28
C ARG A 295 11.17 -0.92 38.38
N ALA B 1 -31.31 -15.06 -24.79
CA ALA B 1 -31.85 -15.64 -23.56
C ALA B 1 -32.00 -14.56 -22.50
N GLU B 2 -33.18 -13.93 -22.48
CA GLU B 2 -33.47 -12.88 -21.50
C GLU B 2 -33.12 -13.31 -20.09
N GLU B 3 -32.53 -12.39 -19.32
CA GLU B 3 -32.25 -12.65 -17.92
C GLU B 3 -33.49 -12.59 -17.04
N PHE B 4 -34.47 -11.78 -17.45
CA PHE B 4 -35.71 -11.65 -16.70
C PHE B 4 -36.91 -11.68 -17.64
N PRO B 5 -38.05 -12.20 -17.15
CA PRO B 5 -39.26 -12.24 -17.99
C PRO B 5 -39.78 -10.86 -18.38
N VAL B 6 -40.07 -10.66 -19.67
CA VAL B 6 -40.58 -9.40 -20.18
C VAL B 6 -42.11 -9.37 -20.05
N PRO B 7 -42.66 -8.31 -19.45
CA PRO B 7 -44.11 -8.17 -19.30
C PRO B 7 -44.84 -8.12 -20.65
N ASN B 8 -46.07 -8.63 -20.70
CA ASN B 8 -46.83 -8.65 -21.94
C ASN B 8 -46.98 -7.25 -22.55
N GLY B 9 -46.75 -7.15 -23.86
CA GLY B 9 -46.84 -5.88 -24.56
C GLY B 9 -45.57 -5.04 -24.52
N PHE B 10 -44.52 -5.57 -23.91
CA PHE B 10 -43.24 -4.88 -23.89
C PHE B 10 -42.23 -5.62 -24.76
N GLU B 11 -41.21 -4.91 -25.20
CA GLU B 11 -40.15 -5.51 -25.99
C GLU B 11 -38.81 -5.29 -25.32
N SER B 12 -38.00 -6.35 -25.30
CA SER B 12 -36.60 -6.24 -24.90
C SER B 12 -35.83 -5.89 -26.17
N ALA B 13 -35.07 -4.81 -26.12
CA ALA B 13 -34.31 -4.38 -27.30
C ALA B 13 -32.94 -3.82 -26.93
N TYR B 14 -32.18 -3.42 -27.95
CA TYR B 14 -30.83 -2.87 -27.73
C TYR B 14 -30.64 -1.64 -28.61
N ARG B 15 -29.91 -0.67 -28.09
CA ARG B 15 -29.47 0.47 -28.90
C ARG B 15 -28.02 0.77 -28.60
N GLU B 16 -27.26 1.10 -29.63
CA GLU B 16 -25.89 1.54 -29.44
C GLU B 16 -25.90 3.04 -29.12
N VAL B 17 -25.23 3.40 -28.02
CA VAL B 17 -25.08 4.79 -27.63
C VAL B 17 -23.60 5.03 -27.35
N ASP B 18 -22.99 5.90 -28.15
CA ASP B 18 -21.56 6.18 -28.00
C ASP B 18 -20.71 4.90 -27.98
N GLY B 19 -21.05 3.96 -28.85
CA GLY B 19 -20.26 2.75 -29.01
C GLY B 19 -20.52 1.70 -27.95
N VAL B 20 -21.54 1.92 -27.13
CA VAL B 20 -21.88 1.01 -26.05
C VAL B 20 -23.27 0.43 -26.28
N LYS B 21 -23.39 -0.90 -26.31
CA LYS B 21 -24.67 -1.52 -26.59
C LYS B 21 -25.51 -1.61 -25.30
N LEU B 22 -26.56 -0.80 -25.23
CA LEU B 22 -27.43 -0.76 -24.04
C LEU B 22 -28.67 -1.60 -24.25
N HIS B 23 -29.04 -2.37 -23.23
CA HIS B 23 -30.26 -3.16 -23.28
C HIS B 23 -31.36 -2.40 -22.55
N TYR B 24 -32.59 -2.56 -23.02
CA TYR B 24 -33.72 -1.92 -22.36
C TYR B 24 -35.01 -2.65 -22.67
N VAL B 25 -36.03 -2.41 -21.86
CA VAL B 25 -37.35 -2.98 -22.10
C VAL B 25 -38.29 -1.81 -22.28
N LYS B 26 -39.09 -1.84 -23.34
CA LYS B 26 -39.86 -0.68 -23.73
C LYS B 26 -41.31 -1.06 -24.08
N GLY B 27 -42.25 -0.24 -23.64
CA GLY B 27 -43.64 -0.45 -24.00
C GLY B 27 -44.48 0.80 -23.82
N GLY B 28 -45.71 0.75 -24.32
CA GLY B 28 -46.66 1.83 -24.10
C GLY B 28 -46.65 2.87 -25.18
N GLN B 29 -47.57 3.83 -25.08
CA GLN B 29 -47.65 4.94 -26.02
C GLN B 29 -47.77 6.22 -25.22
N GLY B 30 -47.31 7.33 -25.81
CA GLY B 30 -47.41 8.64 -25.19
C GLY B 30 -46.05 9.24 -24.90
N PRO B 31 -46.01 10.27 -24.05
CA PRO B 31 -44.74 10.86 -23.61
C PRO B 31 -43.88 9.84 -22.89
N LEU B 32 -42.57 10.02 -22.96
CA LEU B 32 -41.61 9.03 -22.49
C LEU B 32 -41.35 9.16 -21.00
N VAL B 33 -41.37 8.03 -20.31
CA VAL B 33 -40.88 7.95 -18.94
C VAL B 33 -39.74 6.94 -18.95
N MET B 34 -38.56 7.36 -18.49
CA MET B 34 -37.42 6.45 -18.37
C MET B 34 -37.26 6.07 -16.91
N LEU B 35 -37.11 4.77 -16.68
CA LEU B 35 -37.04 4.23 -15.33
C LEU B 35 -35.66 3.64 -15.14
N VAL B 36 -34.91 4.15 -14.17
CA VAL B 36 -33.51 3.70 -14.01
C VAL B 36 -33.27 3.01 -12.67
N HIS B 37 -32.94 1.72 -12.74
CA HIS B 37 -32.70 0.84 -11.60
C HIS B 37 -31.39 1.13 -10.87
N GLY B 38 -31.19 0.46 -9.74
CA GLY B 38 -29.97 0.66 -8.96
C GLY B 38 -29.19 -0.62 -8.70
N PHE B 39 -28.42 -0.61 -7.62
CA PHE B 39 -27.49 -1.71 -7.31
C PHE B 39 -28.20 -3.01 -6.94
N GLY B 40 -27.63 -4.11 -7.42
CA GLY B 40 -28.14 -5.45 -7.16
C GLY B 40 -29.32 -5.85 -8.03
N GLN B 41 -29.71 -4.94 -8.91
CA GLN B 41 -30.93 -5.09 -9.68
C GLN B 41 -30.68 -4.74 -11.12
N THR B 42 -31.74 -4.74 -11.90
CA THR B 42 -31.71 -4.50 -13.32
C THR B 42 -33.04 -3.83 -13.65
N TRP B 43 -33.32 -3.65 -14.93
CA TRP B 43 -34.59 -3.09 -15.38
C TRP B 43 -35.78 -3.78 -14.72
N TYR B 44 -35.58 -5.03 -14.36
CA TYR B 44 -36.69 -5.88 -13.89
C TYR B 44 -37.33 -5.38 -12.59
N GLU B 45 -36.60 -4.61 -11.79
CA GLU B 45 -37.20 -4.11 -10.55
C GLU B 45 -38.45 -3.27 -10.87
N TRP B 46 -38.50 -2.72 -12.09
CA TRP B 46 -39.66 -1.95 -12.51
C TRP B 46 -40.80 -2.75 -13.16
N HIS B 47 -40.71 -4.08 -13.17
CA HIS B 47 -41.62 -4.86 -14.03
C HIS B 47 -43.08 -4.75 -13.60
N GLN B 48 -43.32 -4.40 -12.34
CA GLN B 48 -44.68 -4.23 -11.85
C GLN B 48 -45.22 -2.86 -12.16
N LEU B 49 -44.37 -1.84 -12.10
CA LEU B 49 -44.76 -0.47 -12.40
C LEU B 49 -45.01 -0.29 -13.89
N MET B 50 -44.21 -0.95 -14.72
CA MET B 50 -44.20 -0.68 -16.17
C MET B 50 -45.53 -0.78 -16.89
N PRO B 51 -46.29 -1.88 -16.68
CA PRO B 51 -47.58 -2.09 -17.34
C PRO B 51 -48.62 -1.03 -16.94
N GLU B 52 -48.59 -0.60 -15.69
CA GLU B 52 -49.49 0.45 -15.24
C GLU B 52 -49.14 1.79 -15.90
N LEU B 53 -47.85 2.14 -15.88
CA LEU B 53 -47.38 3.36 -16.53
C LEU B 53 -47.64 3.35 -18.03
N ALA B 54 -47.54 2.17 -18.63
CA ALA B 54 -47.64 2.06 -20.08
C ALA B 54 -49.06 2.32 -20.56
N LYS B 55 -49.98 2.53 -19.62
CA LYS B 55 -51.35 2.90 -19.95
C LYS B 55 -51.45 4.35 -20.42
N ARG B 56 -50.48 5.17 -20.04
CA ARG B 56 -50.55 6.61 -20.33
C ARG B 56 -49.23 7.16 -20.89
N PHE B 57 -48.16 6.39 -20.77
CA PHE B 57 -46.84 6.84 -21.22
C PHE B 57 -46.13 5.77 -22.04
N THR B 58 -45.19 6.20 -22.87
CA THR B 58 -44.22 5.28 -23.45
C THR B 58 -43.22 5.05 -22.32
N VAL B 59 -42.90 3.79 -22.03
CA VAL B 59 -42.05 3.48 -20.87
C VAL B 59 -40.80 2.75 -21.29
N ILE B 60 -39.64 3.29 -20.94
CA ILE B 60 -38.38 2.62 -21.19
C ILE B 60 -37.60 2.40 -19.90
N ALA B 61 -37.15 1.17 -19.70
CA ALA B 61 -36.29 0.85 -18.57
C ALA B 61 -35.00 0.19 -19.04
N PRO B 62 -33.90 0.95 -19.05
CA PRO B 62 -32.60 0.41 -19.48
C PRO B 62 -31.90 -0.33 -18.37
N ASP B 63 -30.96 -1.18 -18.75
CA ASP B 63 -29.99 -1.71 -17.82
C ASP B 63 -28.83 -0.72 -17.78
N LEU B 64 -28.39 -0.36 -16.58
CA LEU B 64 -27.21 0.50 -16.43
C LEU B 64 -26.02 -0.18 -17.12
N PRO B 65 -25.13 0.62 -17.71
CA PRO B 65 -23.92 0.09 -18.34
C PRO B 65 -23.20 -0.94 -17.45
N GLY B 66 -22.90 -2.10 -18.02
CA GLY B 66 -22.20 -3.17 -17.32
C GLY B 66 -23.12 -4.08 -16.53
N LEU B 67 -24.34 -3.63 -16.26
CA LEU B 67 -25.29 -4.44 -15.50
C LEU B 67 -26.38 -5.00 -16.41
N GLY B 68 -27.10 -6.00 -15.90
CA GLY B 68 -28.11 -6.69 -16.68
C GLY B 68 -27.47 -7.15 -17.98
N GLN B 69 -28.10 -6.77 -19.09
CA GLN B 69 -27.63 -7.17 -20.40
C GLN B 69 -27.01 -5.99 -21.17
N SER B 70 -26.66 -4.91 -20.47
CA SER B 70 -25.97 -3.76 -21.10
C SER B 70 -24.45 -3.89 -21.04
N GLU B 71 -23.76 -3.45 -22.09
CA GLU B 71 -22.30 -3.43 -22.10
C GLU B 71 -21.76 -2.41 -21.10
N PRO B 72 -20.56 -2.66 -20.59
CA PRO B 72 -19.86 -1.70 -19.73
C PRO B 72 -19.64 -0.37 -20.46
N PRO B 73 -19.55 0.71 -19.69
CA PRO B 73 -19.26 2.01 -20.29
C PRO B 73 -17.86 2.01 -20.86
N LYS B 74 -17.66 2.69 -21.98
CA LYS B 74 -16.35 2.77 -22.58
C LYS B 74 -15.62 4.02 -22.11
N THR B 75 -16.34 4.94 -21.46
CA THR B 75 -15.73 6.11 -20.84
C THR B 75 -15.33 5.85 -19.39
N GLY B 76 -16.33 5.63 -18.53
CA GLY B 76 -16.07 5.36 -17.12
C GLY B 76 -17.36 5.27 -16.34
N TYR B 77 -17.25 5.05 -15.04
CA TYR B 77 -18.41 4.82 -14.20
C TYR B 77 -18.83 6.00 -13.32
N SER B 78 -18.21 7.17 -13.51
CA SER B 78 -18.62 8.32 -12.72
C SER B 78 -20.01 8.77 -13.18
N GLY B 79 -20.72 9.50 -12.33
CA GLY B 79 -22.07 9.95 -12.63
C GLY B 79 -22.15 10.70 -13.94
N GLU B 80 -21.25 11.65 -14.14
CA GLU B 80 -21.32 12.44 -15.37
C GLU B 80 -21.10 11.61 -16.62
N GLN B 81 -20.21 10.64 -16.55
CA GLN B 81 -19.93 9.80 -17.71
C GLN B 81 -21.09 8.85 -18.03
N VAL B 82 -21.70 8.27 -17.00
CA VAL B 82 -22.75 7.29 -17.23
C VAL B 82 -24.00 8.04 -17.70
N ALA B 83 -24.20 9.21 -17.12
CA ALA B 83 -25.38 10.03 -17.40
C ALA B 83 -25.52 10.36 -18.89
N VAL B 84 -24.39 10.55 -19.58
CA VAL B 84 -24.39 10.80 -21.02
C VAL B 84 -25.06 9.65 -21.79
N TYR B 85 -24.79 8.40 -21.41
CA TYR B 85 -25.40 7.25 -22.06
C TYR B 85 -26.93 7.24 -21.89
N LEU B 86 -27.39 7.47 -20.66
CA LEU B 86 -28.82 7.43 -20.39
C LEU B 86 -29.53 8.60 -21.04
N HIS B 87 -28.88 9.75 -21.06
CA HIS B 87 -29.44 10.94 -21.72
C HIS B 87 -29.62 10.73 -23.21
N LYS B 88 -28.58 10.24 -23.88
CA LYS B 88 -28.66 10.04 -25.32
C LYS B 88 -29.60 8.90 -25.67
N LEU B 89 -29.67 7.88 -24.80
CA LEU B 89 -30.64 6.82 -25.00
C LEU B 89 -32.06 7.40 -24.95
N ALA B 90 -32.34 8.25 -23.96
CA ALA B 90 -33.67 8.83 -23.83
C ALA B 90 -34.03 9.68 -25.03
N ARG B 91 -33.06 10.46 -25.50
CA ARG B 91 -33.26 11.34 -26.65
C ARG B 91 -33.53 10.60 -27.96
N GLN B 92 -32.99 9.39 -28.12
CA GLN B 92 -33.31 8.59 -29.30
C GLN B 92 -34.81 8.35 -29.39
N PHE B 93 -35.47 8.28 -28.23
CA PHE B 93 -36.91 7.98 -28.17
C PHE B 93 -37.82 9.18 -27.91
N SER B 94 -37.26 10.24 -27.34
CA SER B 94 -38.05 11.46 -27.15
C SER B 94 -37.29 12.71 -27.63
N PRO B 95 -36.98 12.74 -28.94
CA PRO B 95 -36.23 13.88 -29.51
C PRO B 95 -36.96 15.22 -29.44
N ASP B 96 -38.28 15.21 -29.50
CA ASP B 96 -39.05 16.45 -29.67
C ASP B 96 -39.84 16.90 -28.43
N ARG B 97 -39.78 16.09 -27.37
CA ARG B 97 -40.50 16.39 -26.14
CA ARG B 97 -40.50 16.39 -26.13
C ARG B 97 -39.58 16.17 -24.93
N PRO B 98 -39.81 16.91 -23.85
CA PRO B 98 -39.08 16.52 -22.63
C PRO B 98 -39.63 15.18 -22.15
N PHE B 99 -38.81 14.40 -21.45
CA PHE B 99 -39.28 13.12 -20.96
C PHE B 99 -39.30 13.14 -19.43
N ASP B 100 -39.99 12.18 -18.82
CA ASP B 100 -39.94 12.04 -17.37
C ASP B 100 -38.83 11.05 -16.98
N LEU B 101 -38.31 11.23 -15.77
CA LEU B 101 -37.27 10.36 -15.28
C LEU B 101 -37.60 9.87 -13.88
N VAL B 102 -37.52 8.56 -13.69
CA VAL B 102 -37.70 7.95 -12.38
C VAL B 102 -36.43 7.14 -12.07
N ALA B 103 -35.79 7.40 -10.94
CA ALA B 103 -34.55 6.66 -10.61
C ALA B 103 -34.52 6.17 -9.16
N HIS B 104 -33.88 5.00 -8.96
CA HIS B 104 -33.75 4.36 -7.66
C HIS B 104 -32.29 3.99 -7.37
N SER B 105 -31.84 4.11 -6.13
CA SER B 105 -30.48 3.67 -5.77
C SER B 105 -29.45 4.39 -6.67
N ILE B 106 -28.46 3.67 -7.16
CA ILE B 106 -27.40 4.28 -7.98
C ILE B 106 -27.91 4.86 -9.30
N GLY B 107 -29.15 4.54 -9.67
CA GLY B 107 -29.81 5.20 -10.80
C GLY B 107 -29.82 6.71 -10.62
N ILE B 108 -29.89 7.16 -9.37
CA ILE B 108 -29.81 8.57 -9.03
C ILE B 108 -28.41 9.12 -9.38
N TRP B 109 -27.38 8.42 -8.93
CA TRP B 109 -26.01 8.83 -9.20
C TRP B 109 -25.76 8.98 -10.70
N ASN B 110 -26.35 8.08 -11.46
CA ASN B 110 -26.12 7.98 -12.89
C ASN B 110 -27.07 8.82 -13.74
N THR B 111 -27.94 9.57 -13.10
CA THR B 111 -28.85 10.44 -13.87
C THR B 111 -28.76 11.91 -13.47
N TYR B 112 -28.42 12.18 -12.22
CA TYR B 112 -28.44 13.57 -11.76
C TYR B 112 -27.68 14.54 -12.69
N PRO B 113 -26.44 14.18 -13.12
CA PRO B 113 -25.73 15.14 -13.97
C PRO B 113 -26.46 15.46 -15.27
N MET B 114 -27.11 14.48 -15.87
CA MET B 114 -27.76 14.78 -17.13
C MET B 114 -29.06 15.57 -16.90
N VAL B 115 -29.67 15.37 -15.73
CA VAL B 115 -30.84 16.16 -15.37
C VAL B 115 -30.47 17.62 -15.16
N VAL B 116 -29.41 17.88 -14.38
CA VAL B 116 -29.07 19.25 -14.04
C VAL B 116 -28.53 19.98 -15.27
N LYS B 117 -27.86 19.25 -16.15
CA LYS B 117 -27.28 19.87 -17.35
C LYS B 117 -28.24 19.99 -18.54
N ASN B 118 -29.36 19.27 -18.51
CA ASN B 118 -30.32 19.30 -19.62
C ASN B 118 -31.73 19.49 -19.08
N GLN B 119 -31.91 20.53 -18.28
CA GLN B 119 -33.17 20.73 -17.57
C GLN B 119 -34.38 20.79 -18.51
N ALA B 120 -34.22 21.47 -19.65
CA ALA B 120 -35.28 21.58 -20.65
C ALA B 120 -35.75 20.23 -21.18
N ASP B 121 -34.89 19.21 -21.08
CA ASP B 121 -35.22 17.88 -21.56
C ASP B 121 -35.98 17.05 -20.52
N ILE B 122 -36.06 17.54 -19.29
CA ILE B 122 -36.69 16.78 -18.20
C ILE B 122 -38.03 17.41 -17.77
N ALA B 123 -39.13 16.71 -17.98
CA ALA B 123 -40.43 17.24 -17.61
C ALA B 123 -40.65 17.10 -16.10
N ARG B 124 -40.62 15.86 -15.62
CA ARG B 124 -40.83 15.59 -14.18
C ARG B 124 -39.80 14.59 -13.65
N LEU B 125 -39.46 14.70 -12.37
CA LEU B 125 -38.36 13.93 -11.81
C LEU B 125 -38.80 13.19 -10.56
N VAL B 126 -38.66 11.88 -10.54
CA VAL B 126 -38.88 11.09 -9.33
C VAL B 126 -37.57 10.42 -8.89
N TYR B 127 -37.11 10.72 -7.68
CA TYR B 127 -35.90 10.10 -7.13
C TYR B 127 -36.25 9.35 -5.85
N MET B 128 -35.79 8.11 -5.73
CA MET B 128 -36.10 7.33 -4.54
C MET B 128 -34.89 6.55 -4.03
N GLU B 129 -34.70 6.59 -2.72
CA GLU B 129 -33.81 5.66 -2.02
C GLU B 129 -32.35 5.66 -2.44
N ALA B 130 -31.71 6.82 -2.31
CA ALA B 130 -30.27 6.96 -2.46
C ALA B 130 -29.92 8.43 -2.35
N PRO B 131 -28.78 8.73 -1.71
CA PRO B 131 -28.28 10.10 -1.70
C PRO B 131 -27.82 10.49 -3.10
N ILE B 132 -28.08 11.72 -3.49
CA ILE B 132 -27.32 12.32 -4.59
C ILE B 132 -25.89 12.39 -4.05
N PRO B 133 -24.90 11.98 -4.87
CA PRO B 133 -23.56 11.98 -4.28
C PRO B 133 -23.10 13.40 -3.96
N ASP B 134 -22.90 13.66 -2.67
CA ASP B 134 -22.34 14.93 -2.23
C ASP B 134 -21.72 14.72 -0.86
N ALA B 135 -21.25 15.80 -0.22
CA ALA B 135 -20.54 15.69 1.06
C ALA B 135 -21.37 15.01 2.15
N ARG B 136 -22.69 14.97 1.99
CA ARG B 136 -23.53 14.35 3.00
C ARG B 136 -23.23 12.88 3.22
N ILE B 137 -22.79 12.19 2.18
CA ILE B 137 -22.53 10.76 2.28
C ILE B 137 -21.38 10.48 3.25
N TYR B 138 -20.55 11.49 3.50
CA TYR B 138 -19.43 11.32 4.41
C TYR B 138 -19.86 11.40 5.88
N ARG B 139 -21.13 11.68 6.13
CA ARG B 139 -21.64 11.73 7.50
C ARG B 139 -22.24 10.42 7.98
N PHE B 140 -22.62 9.53 7.06
CA PHE B 140 -23.24 8.28 7.49
C PHE B 140 -22.24 7.52 8.35
N PRO B 141 -22.70 6.92 9.46
CA PRO B 141 -21.89 6.19 10.42
C PRO B 141 -21.42 4.83 9.90
N ALA B 142 -20.19 4.45 10.28
CA ALA B 142 -19.62 3.15 9.95
C ALA B 142 -20.28 2.01 10.73
N PHE B 143 -20.85 2.32 11.89
CA PHE B 143 -21.35 1.29 12.82
C PHE B 143 -22.41 1.92 13.69
N THR B 144 -23.38 1.13 14.14
CA THR B 144 -24.48 1.65 14.95
C THR B 144 -24.66 0.80 16.20
N ALA B 145 -25.33 1.36 17.21
CA ALA B 145 -25.59 0.63 18.46
C ALA B 145 -26.47 -0.62 18.27
N GLN B 146 -26.96 -0.82 17.05
CA GLN B 146 -27.79 -1.97 16.73
C GLN B 146 -27.13 -2.95 15.75
N GLY B 147 -25.88 -2.71 15.41
CA GLY B 147 -25.19 -3.56 14.45
C GLY B 147 -24.79 -2.83 13.19
N GLU B 148 -24.69 -3.56 12.08
CA GLU B 148 -24.17 -2.97 10.84
C GLU B 148 -24.98 -1.75 10.43
N SER B 149 -24.28 -0.74 9.92
CA SER B 149 -24.90 0.50 9.47
C SER B 149 -25.44 0.40 8.03
N LEU B 150 -26.05 1.48 7.57
CA LEU B 150 -26.72 1.48 6.27
C LEU B 150 -25.76 1.43 5.11
N VAL B 151 -24.65 2.14 5.21
CA VAL B 151 -23.82 2.32 4.03
C VAL B 151 -22.33 1.96 4.22
N TRP B 152 -22.02 1.04 5.13
CA TRP B 152 -20.64 0.55 5.22
C TRP B 152 -20.20 -0.10 3.92
N HIS B 153 -21.18 -0.51 3.11
CA HIS B 153 -20.87 -1.09 1.81
C HIS B 153 -20.26 -0.10 0.81
N PHE B 154 -20.44 1.21 1.04
CA PHE B 154 -19.73 2.20 0.22
C PHE B 154 -18.23 1.93 0.27
N SER B 155 -17.72 1.66 1.47
CA SER B 155 -16.29 1.40 1.67
C SER B 155 -15.88 0.03 1.13
N PHE B 156 -16.67 -0.99 1.49
CA PHE B 156 -16.47 -2.34 0.98
C PHE B 156 -16.36 -2.34 -0.56
N PHE B 157 -17.32 -1.71 -1.22
CA PHE B 157 -17.37 -1.75 -2.69
C PHE B 157 -16.34 -0.84 -3.36
N ALA B 158 -16.01 0.28 -2.71
CA ALA B 158 -15.03 1.22 -3.25
C ALA B 158 -13.59 0.76 -3.07
N ALA B 159 -13.37 -0.16 -2.14
CA ALA B 159 -12.02 -0.63 -1.80
C ALA B 159 -11.29 -1.16 -3.04
N ASP B 160 -9.98 -0.97 -3.09
CA ASP B 160 -9.21 -1.44 -4.24
C ASP B 160 -8.86 -2.93 -4.08
N ASP B 161 -7.86 -3.40 -4.82
CA ASP B 161 -7.48 -4.82 -4.80
C ASP B 161 -8.64 -5.73 -5.26
N ARG B 162 -9.62 -5.14 -5.92
CA ARG B 162 -10.83 -5.89 -6.26
C ARG B 162 -11.36 -6.64 -5.04
N LEU B 163 -11.38 -5.96 -3.90
CA LEU B 163 -11.77 -6.57 -2.64
C LEU B 163 -13.13 -7.24 -2.71
N ALA B 164 -14.13 -6.46 -3.12
CA ALA B 164 -15.49 -6.95 -3.22
C ALA B 164 -15.62 -8.12 -4.19
N GLU B 165 -15.14 -7.96 -5.43
CA GLU B 165 -15.28 -9.05 -6.40
C GLU B 165 -14.60 -10.31 -5.88
N THR B 166 -13.45 -10.15 -5.24
CA THR B 166 -12.67 -11.30 -4.82
C THR B 166 -13.39 -12.09 -3.71
N LEU B 167 -13.96 -11.36 -2.76
CA LEU B 167 -14.64 -11.98 -1.63
C LEU B 167 -16.03 -12.54 -1.98
N ILE B 168 -16.70 -11.88 -2.92
CA ILE B 168 -18.09 -12.21 -3.26
C ILE B 168 -18.20 -13.28 -4.34
N ALA B 169 -17.23 -13.34 -5.25
CA ALA B 169 -17.24 -14.38 -6.28
C ALA B 169 -17.41 -15.79 -5.68
N GLY B 170 -18.36 -16.55 -6.22
CA GLY B 170 -18.68 -17.87 -5.72
C GLY B 170 -19.66 -17.83 -4.57
N LYS B 171 -19.99 -16.62 -4.12
CA LYS B 171 -20.92 -16.42 -3.03
C LYS B 171 -21.88 -15.31 -3.41
N GLU B 172 -22.14 -15.15 -4.71
CA GLU B 172 -22.93 -14.02 -5.19
C GLU B 172 -24.36 -14.07 -4.69
N ARG B 173 -24.97 -15.25 -4.78
CA ARG B 173 -26.32 -15.48 -4.27
C ARG B 173 -26.38 -15.23 -2.78
N PHE B 174 -25.40 -15.78 -2.06
CA PHE B 174 -25.31 -15.61 -0.62
C PHE B 174 -25.20 -14.13 -0.24
N PHE B 175 -24.34 -13.38 -0.93
CA PHE B 175 -24.11 -12.00 -0.52
C PHE B 175 -25.31 -11.12 -0.85
N LEU B 176 -25.88 -11.32 -2.04
CA LEU B 176 -26.98 -10.48 -2.50
C LEU B 176 -28.21 -10.68 -1.61
N GLU B 177 -28.45 -11.93 -1.20
CA GLU B 177 -29.55 -12.19 -0.28
C GLU B 177 -29.36 -11.42 1.02
N HIS B 178 -28.16 -11.47 1.59
CA HIS B 178 -27.88 -10.76 2.82
C HIS B 178 -28.01 -9.25 2.68
N PHE B 179 -27.47 -8.72 1.58
CA PHE B 179 -27.51 -7.28 1.31
C PHE B 179 -28.94 -6.77 1.09
N ILE B 180 -29.71 -7.50 0.29
CA ILE B 180 -31.09 -7.10 0.05
C ILE B 180 -31.83 -7.13 1.39
N LYS B 181 -31.73 -8.25 2.09
CA LYS B 181 -32.50 -8.37 3.33
C LYS B 181 -32.04 -7.42 4.45
N SER B 182 -30.75 -7.12 4.52
CA SER B 182 -30.27 -6.16 5.52
C SER B 182 -30.75 -4.73 5.21
N HIS B 183 -31.17 -4.47 3.98
CA HIS B 183 -31.69 -3.15 3.64
C HIS B 183 -33.20 -3.18 3.38
N ALA B 184 -33.85 -4.30 3.75
CA ALA B 184 -35.29 -4.47 3.57
C ALA B 184 -36.07 -4.44 4.89
N SER B 185 -37.34 -4.06 4.80
CA SER B 185 -38.30 -4.22 5.89
C SER B 185 -39.10 -5.48 5.62
N ASN B 186 -39.53 -5.60 4.38
CA ASN B 186 -40.33 -6.73 3.92
C ASN B 186 -39.47 -7.67 3.10
N THR B 187 -38.92 -8.70 3.74
CA THR B 187 -38.04 -9.63 3.05
C THR B 187 -38.80 -10.69 2.26
N GLU B 188 -40.07 -10.89 2.61
CA GLU B 188 -40.87 -11.94 1.99
C GLU B 188 -41.08 -11.75 0.49
N VAL B 189 -41.04 -10.50 0.04
CA VAL B 189 -41.29 -10.18 -1.37
C VAL B 189 -40.18 -10.75 -2.24
N PHE B 190 -39.05 -11.10 -1.61
CA PHE B 190 -37.89 -11.61 -2.32
C PHE B 190 -37.82 -13.13 -2.25
N SER B 191 -38.58 -13.75 -3.14
CA SER B 191 -38.62 -15.20 -3.25
C SER B 191 -37.26 -15.79 -3.62
N GLU B 192 -37.09 -17.09 -3.41
CA GLU B 192 -35.91 -17.80 -3.90
C GLU B 192 -35.70 -17.58 -5.40
N ARG B 193 -36.79 -17.59 -6.16
CA ARG B 193 -36.67 -17.42 -7.61
C ARG B 193 -36.23 -16.01 -7.97
N LEU B 194 -36.77 -15.01 -7.29
CA LEU B 194 -36.38 -13.63 -7.57
C LEU B 194 -34.89 -13.41 -7.26
N LEU B 195 -34.44 -13.90 -6.11
CA LEU B 195 -33.03 -13.80 -5.73
C LEU B 195 -32.12 -14.54 -6.70
N ASP B 196 -32.58 -15.68 -7.21
CA ASP B 196 -31.79 -16.44 -8.18
C ASP B 196 -31.55 -15.62 -9.45
N LEU B 197 -32.60 -14.95 -9.91
CA LEU B 197 -32.53 -14.16 -11.14
C LEU B 197 -31.58 -12.99 -10.99
N TYR B 198 -31.74 -12.23 -9.91
CA TYR B 198 -30.84 -11.11 -9.63
C TYR B 198 -29.40 -11.57 -9.39
N ALA B 199 -29.23 -12.64 -8.61
CA ALA B 199 -27.88 -13.14 -8.34
C ALA B 199 -27.21 -13.62 -9.63
N ARG B 200 -27.96 -14.32 -10.48
CA ARG B 200 -27.38 -14.80 -11.73
C ARG B 200 -26.90 -13.64 -12.60
N SER B 201 -27.68 -12.57 -12.65
CA SER B 201 -27.32 -11.42 -13.50
C SER B 201 -26.06 -10.73 -13.01
N TYR B 202 -26.03 -10.34 -11.74
CA TYR B 202 -24.89 -9.56 -11.29
C TYR B 202 -23.66 -10.43 -11.06
N ALA B 203 -23.82 -11.76 -11.13
CA ALA B 203 -22.68 -12.64 -10.95
C ALA B 203 -21.82 -12.76 -12.20
N LYS B 204 -22.38 -12.41 -13.37
CA LYS B 204 -21.56 -12.29 -14.56
C LYS B 204 -20.32 -11.47 -14.22
N PRO B 205 -19.12 -12.04 -14.44
CA PRO B 205 -17.89 -11.36 -14.01
C PRO B 205 -17.84 -9.87 -14.36
N HIS B 206 -18.23 -9.48 -15.57
CA HIS B 206 -18.19 -8.07 -15.94
C HIS B 206 -19.25 -7.26 -15.22
N SER B 207 -20.34 -7.91 -14.84
CA SER B 207 -21.42 -7.25 -14.12
C SER B 207 -21.10 -7.13 -12.63
N LEU B 208 -20.42 -8.13 -12.07
CA LEU B 208 -19.99 -8.06 -10.68
C LEU B 208 -18.98 -6.92 -10.55
N ASN B 209 -18.07 -6.82 -11.51
CA ASN B 209 -17.12 -5.72 -11.50
C ASN B 209 -17.81 -4.38 -11.70
N ALA B 210 -18.65 -4.27 -12.73
CA ALA B 210 -19.38 -3.03 -12.97
C ALA B 210 -20.06 -2.53 -11.69
N SER B 211 -20.69 -3.46 -10.96
CA SER B 211 -21.45 -3.16 -9.73
C SER B 211 -20.63 -2.31 -8.78
N PHE B 212 -19.38 -2.69 -8.59
CA PHE B 212 -18.54 -2.01 -7.62
C PHE B 212 -17.81 -0.82 -8.24
N GLU B 213 -17.58 -0.86 -9.53
CA GLU B 213 -16.97 0.29 -10.20
C GLU B 213 -17.83 1.54 -10.03
N TYR B 214 -19.13 1.40 -10.00
CA TYR B 214 -19.97 2.56 -9.67
C TYR B 214 -19.56 3.18 -8.34
N TYR B 215 -19.19 2.33 -7.38
CA TYR B 215 -18.78 2.83 -6.06
C TYR B 215 -17.34 3.35 -6.03
N ARG B 216 -16.45 2.71 -6.79
CA ARG B 216 -15.07 3.16 -6.87
C ARG B 216 -15.01 4.54 -7.51
N ALA B 217 -16.09 4.91 -8.21
CA ALA B 217 -16.14 6.21 -8.86
C ALA B 217 -16.94 7.21 -8.04
N LEU B 218 -17.45 6.78 -6.88
CA LEU B 218 -18.37 7.61 -6.10
C LEU B 218 -17.74 8.95 -5.68
N ASN B 219 -16.49 8.92 -5.24
CA ASN B 219 -15.85 10.16 -4.81
C ASN B 219 -15.65 11.13 -5.96
N GLU B 220 -15.38 10.58 -7.15
CA GLU B 220 -15.26 11.42 -8.33
C GLU B 220 -16.63 12.01 -8.63
N SER B 221 -17.67 11.21 -8.49
CA SER B 221 -19.03 11.73 -8.68
C SER B 221 -19.36 12.87 -7.69
N VAL B 222 -19.00 12.70 -6.43
CA VAL B 222 -19.13 13.75 -5.43
C VAL B 222 -18.45 15.03 -5.90
N ARG B 223 -17.21 14.92 -6.38
CA ARG B 223 -16.48 16.10 -6.85
C ARG B 223 -17.17 16.73 -8.07
N GLN B 224 -17.63 15.89 -9.00
CA GLN B 224 -18.35 16.39 -10.18
C GLN B 224 -19.58 17.16 -9.75
N ASN B 225 -20.32 16.58 -8.81
CA ASN B 225 -21.59 17.15 -8.39
C ASN B 225 -21.45 18.47 -7.61
N ALA B 226 -20.26 18.72 -7.07
CA ALA B 226 -20.01 19.95 -6.34
C ALA B 226 -20.03 21.14 -7.30
N GLU B 227 -19.64 20.91 -8.54
CA GLU B 227 -19.70 21.93 -9.57
C GLU B 227 -21.12 22.04 -10.13
N LEU B 228 -21.68 20.89 -10.51
CA LEU B 228 -23.00 20.85 -11.11
C LEU B 228 -24.10 21.47 -10.24
N ALA B 229 -23.99 21.31 -8.93
CA ALA B 229 -25.06 21.70 -8.02
C ALA B 229 -25.21 23.21 -7.87
N LYS B 230 -24.32 23.96 -8.49
CA LYS B 230 -24.42 25.41 -8.49
C LYS B 230 -25.69 25.85 -9.21
N THR B 231 -26.24 24.95 -10.03
CA THR B 231 -27.49 25.20 -10.72
C THR B 231 -28.64 24.36 -10.13
N ARG B 232 -29.60 25.05 -9.51
CA ARG B 232 -30.77 24.40 -8.93
C ARG B 232 -31.58 23.68 -10.01
N LEU B 233 -32.20 22.56 -9.64
CA LEU B 233 -33.16 21.91 -10.52
C LEU B 233 -34.49 22.64 -10.45
N GLN B 234 -35.11 22.87 -11.61
CA GLN B 234 -36.32 23.68 -11.69
C GLN B 234 -37.58 22.90 -12.06
N MET B 235 -37.44 21.64 -12.43
CA MET B 235 -38.62 20.84 -12.80
C MET B 235 -39.34 20.32 -11.56
N PRO B 236 -40.65 20.02 -11.69
CA PRO B 236 -41.37 19.40 -10.58
C PRO B 236 -40.69 18.10 -10.20
N THR B 237 -40.45 17.89 -8.91
CA THR B 237 -39.70 16.74 -8.42
CA THR B 237 -39.77 16.68 -8.48
C THR B 237 -40.44 16.09 -7.25
N MET B 238 -40.43 14.76 -7.20
CA MET B 238 -40.94 14.03 -6.05
C MET B 238 -39.85 13.09 -5.54
N THR B 239 -39.67 13.02 -4.23
CA THR B 239 -38.81 12.00 -3.65
C THR B 239 -39.65 10.97 -2.91
N LEU B 240 -39.15 9.73 -2.87
CA LEU B 240 -39.76 8.66 -2.06
C LEU B 240 -38.66 7.97 -1.29
N ALA B 241 -38.98 7.52 -0.09
CA ALA B 241 -38.00 6.85 0.72
C ALA B 241 -38.76 5.92 1.65
N GLY B 242 -38.15 4.81 2.03
CA GLY B 242 -38.76 3.88 2.97
C GLY B 242 -38.63 4.39 4.39
N GLY B 243 -39.66 4.17 5.20
CA GLY B 243 -39.62 4.62 6.57
C GLY B 243 -39.25 3.51 7.51
N GLY B 244 -39.18 2.29 6.99
CA GLY B 244 -38.87 1.14 7.79
C GLY B 244 -37.38 0.82 7.82
N HIS B 245 -37.04 -0.27 8.49
CA HIS B 245 -35.66 -0.76 8.51
C HIS B 245 -35.09 -0.79 7.09
N GLY B 246 -33.90 -0.23 6.90
CA GLY B 246 -33.24 -0.24 5.60
C GLY B 246 -33.46 1.00 4.76
N GLY B 247 -34.45 1.80 5.12
CA GLY B 247 -34.84 2.94 4.31
C GLY B 247 -34.06 4.20 4.63
N MET B 248 -34.08 5.17 3.73
CA MET B 248 -33.40 6.46 3.92
C MET B 248 -34.18 7.45 4.79
N GLY B 249 -35.49 7.22 4.95
CA GLY B 249 -36.32 8.10 5.77
C GLY B 249 -36.34 9.53 5.30
N THR B 250 -36.28 10.45 6.25
CA THR B 250 -36.41 11.87 5.97
C THR B 250 -35.23 12.43 5.17
N PHE B 251 -34.11 11.71 5.16
CA PHE B 251 -32.92 12.17 4.44
C PHE B 251 -33.20 12.51 2.98
N GLN B 252 -33.98 11.68 2.30
CA GLN B 252 -34.21 11.81 0.87
C GLN B 252 -34.76 13.17 0.52
N LEU B 253 -35.87 13.54 1.16
CA LEU B 253 -36.46 14.85 0.88
C LEU B 253 -35.58 15.99 1.38
N GLU B 254 -34.99 15.82 2.57
CA GLU B 254 -34.18 16.89 3.13
C GLU B 254 -33.01 17.25 2.20
N GLN B 255 -32.38 16.25 1.62
CA GLN B 255 -31.30 16.50 0.68
C GLN B 255 -31.84 17.16 -0.57
N MET B 256 -32.90 16.58 -1.12
CA MET B 256 -33.47 17.07 -2.36
C MET B 256 -33.87 18.54 -2.24
N LYS B 257 -34.31 18.95 -1.05
CA LYS B 257 -34.68 20.35 -0.82
C LYS B 257 -33.54 21.32 -1.17
N ALA B 258 -32.30 20.85 -1.07
CA ALA B 258 -31.15 21.69 -1.39
C ALA B 258 -30.84 21.73 -2.88
N TYR B 259 -31.39 20.78 -3.63
CA TYR B 259 -31.12 20.66 -5.08
C TYR B 259 -32.27 21.18 -5.94
N ALA B 260 -33.49 21.07 -5.42
CA ALA B 260 -34.68 21.36 -6.22
C ALA B 260 -35.56 22.45 -5.63
N GLU B 261 -36.00 23.37 -6.49
CA GLU B 261 -36.92 24.43 -6.09
C GLU B 261 -38.35 23.92 -5.85
N ASP B 262 -38.78 22.98 -6.69
CA ASP B 262 -40.15 22.50 -6.68
C ASP B 262 -40.18 21.01 -6.36
N VAL B 263 -40.26 20.68 -5.07
CA VAL B 263 -40.12 19.29 -4.64
C VAL B 263 -41.10 18.94 -3.55
N GLU B 264 -41.62 17.72 -3.64
CA GLU B 264 -42.46 17.14 -2.61
C GLU B 264 -41.95 15.75 -2.30
N GLY B 265 -42.20 15.28 -1.08
CA GLY B 265 -41.64 14.01 -0.69
C GLY B 265 -42.59 13.16 0.11
N HIS B 266 -42.38 11.86 0.05
CA HIS B 266 -43.13 10.93 0.88
C HIS B 266 -42.17 9.94 1.49
N VAL B 267 -42.42 9.64 2.77
CA VAL B 267 -41.77 8.54 3.44
C VAL B 267 -42.82 7.45 3.63
N LEU B 268 -42.50 6.23 3.19
CA LEU B 268 -43.42 5.10 3.23
C LEU B 268 -43.18 4.24 4.46
N PRO B 269 -44.06 4.37 5.47
CA PRO B 269 -43.87 3.56 6.67
C PRO B 269 -43.95 2.07 6.33
N GLY B 270 -43.16 1.24 7.00
CA GLY B 270 -43.21 -0.19 6.81
C GLY B 270 -42.47 -0.71 5.59
N CYS B 271 -41.72 0.18 4.93
CA CYS B 271 -40.94 -0.18 3.74
C CYS B 271 -39.48 0.19 3.92
N GLY B 272 -38.59 -0.64 3.38
CA GLY B 272 -37.16 -0.37 3.43
C GLY B 272 -36.60 0.22 2.15
N HIS B 273 -35.44 -0.26 1.73
CA HIS B 273 -34.72 0.31 0.58
C HIS B 273 -35.35 -0.03 -0.76
N TRP B 274 -35.94 -1.22 -0.87
CA TRP B 274 -36.30 -1.76 -2.16
C TRP B 274 -37.76 -1.44 -2.50
N LEU B 275 -38.06 -0.15 -2.64
CA LEU B 275 -39.45 0.30 -2.75
C LEU B 275 -40.29 -0.40 -3.80
N PRO B 276 -39.79 -0.51 -5.05
CA PRO B 276 -40.57 -1.16 -6.10
C PRO B 276 -41.00 -2.59 -5.73
N GLU B 277 -40.22 -3.30 -4.92
CA GLU B 277 -40.56 -4.67 -4.54
C GLU B 277 -41.23 -4.78 -3.18
N GLU B 278 -40.76 -4.01 -2.22
CA GLU B 278 -41.31 -4.10 -0.86
C GLU B 278 -42.64 -3.40 -0.75
N CYS B 279 -42.83 -2.35 -1.54
CA CYS B 279 -44.03 -1.54 -1.42
C CYS B 279 -44.52 -1.10 -2.79
N ALA B 280 -44.75 -2.10 -3.63
CA ALA B 280 -45.09 -1.89 -5.02
C ALA B 280 -46.37 -1.09 -5.20
N ALA B 281 -47.46 -1.48 -4.55
CA ALA B 281 -48.74 -0.79 -4.74
C ALA B 281 -48.70 0.72 -4.46
N PRO B 282 -48.28 1.10 -3.23
CA PRO B 282 -48.24 2.54 -2.90
C PRO B 282 -47.16 3.29 -3.66
N MET B 283 -46.00 2.68 -3.86
CA MET B 283 -44.99 3.32 -4.69
C MET B 283 -45.49 3.59 -6.11
N ASN B 284 -46.04 2.55 -6.75
CA ASN B 284 -46.61 2.71 -8.08
C ASN B 284 -47.64 3.83 -8.14
N ARG B 285 -48.55 3.85 -7.17
CA ARG B 285 -49.63 4.85 -7.15
C ARG B 285 -49.05 6.25 -7.08
N LEU B 286 -48.08 6.45 -6.19
CA LEU B 286 -47.51 7.78 -6.00
C LEU B 286 -46.79 8.26 -7.26
N VAL B 287 -46.03 7.36 -7.88
CA VAL B 287 -45.31 7.70 -9.11
C VAL B 287 -46.27 8.05 -10.24
N ILE B 288 -47.19 7.14 -10.54
CA ILE B 288 -48.20 7.36 -11.59
C ILE B 288 -48.99 8.66 -11.37
N ASP B 289 -49.45 8.89 -10.15
CA ASP B 289 -50.21 10.10 -9.87
C ASP B 289 -49.35 11.33 -10.10
N PHE B 290 -48.11 11.28 -9.63
CA PHE B 290 -47.21 12.41 -9.78
C PHE B 290 -46.94 12.75 -11.23
N LEU B 291 -46.69 11.72 -12.04
CA LEU B 291 -46.33 11.92 -13.44
C LEU B 291 -47.55 12.29 -14.27
N SER B 292 -48.72 11.84 -13.82
CA SER B 292 -49.95 12.00 -14.59
C SER B 292 -50.59 13.37 -14.41
N ARG B 293 -49.91 14.25 -13.69
CA ARG B 293 -50.39 15.62 -13.61
C ARG B 293 -49.73 16.48 -14.67
N GLY B 294 -49.18 15.81 -15.68
CA GLY B 294 -48.64 16.44 -16.86
C GLY B 294 -49.31 15.93 -18.12
N ARG B 295 -48.52 15.78 -19.17
CA ARG B 295 -49.04 15.26 -20.44
C ARG B 295 -49.05 13.73 -20.40
N HIS B 296 -50.06 13.12 -21.02
CA HIS B 296 -50.22 11.66 -21.01
C HIS B 296 -51.52 11.26 -21.71
N HIS B 297 -51.43 10.66 -22.89
CA HIS B 297 -52.61 10.28 -23.65
C HIS B 297 -53.66 9.59 -22.77
N ALA C 1 -8.23 5.06 -32.12
CA ALA C 1 -7.52 4.18 -31.19
C ALA C 1 -6.99 4.95 -29.99
N GLU C 2 -7.64 4.78 -28.84
CA GLU C 2 -7.26 5.53 -27.65
C GLU C 2 -6.93 4.63 -26.48
N GLU C 3 -5.80 4.92 -25.83
CA GLU C 3 -5.37 4.19 -24.66
C GLU C 3 -6.18 4.55 -23.42
N PHE C 4 -6.61 5.81 -23.34
CA PHE C 4 -7.45 6.30 -22.22
C PHE C 4 -8.65 7.09 -22.71
N PRO C 5 -9.73 7.09 -21.91
CA PRO C 5 -10.97 7.81 -22.22
C PRO C 5 -10.81 9.32 -22.20
N VAL C 6 -11.20 9.96 -23.29
CA VAL C 6 -11.10 11.41 -23.41
C VAL C 6 -12.30 12.05 -22.71
N PRO C 7 -12.07 13.10 -21.92
CA PRO C 7 -13.23 13.69 -21.24
C PRO C 7 -14.21 14.27 -22.24
N ASN C 8 -15.46 14.40 -21.83
CA ASN C 8 -16.48 14.96 -22.71
C ASN C 8 -16.08 16.34 -23.18
N GLY C 9 -16.07 16.55 -24.50
CA GLY C 9 -15.79 17.86 -25.06
C GLY C 9 -14.31 18.15 -25.28
N PHE C 10 -13.49 17.13 -25.11
CA PHE C 10 -12.08 17.22 -25.42
C PHE C 10 -11.83 16.40 -26.68
N GLU C 11 -10.72 16.65 -27.36
CA GLU C 11 -10.36 15.87 -28.53
C GLU C 11 -8.98 15.30 -28.31
N SER C 12 -8.77 14.08 -28.80
CA SER C 12 -7.47 13.44 -28.84
C SER C 12 -6.91 13.68 -30.24
N ALA C 13 -5.74 14.29 -30.33
CA ALA C 13 -5.17 14.63 -31.63
C ALA C 13 -3.65 14.46 -31.60
N TYR C 14 -3.01 14.75 -32.73
CA TYR C 14 -1.57 14.61 -32.83
C TYR C 14 -0.98 15.81 -33.52
N ARG C 15 0.25 16.13 -33.15
CA ARG C 15 0.96 17.19 -33.82
C ARG C 15 2.41 16.76 -34.04
N GLU C 16 2.89 16.92 -35.27
CA GLU C 16 4.27 16.63 -35.62
C GLU C 16 5.11 17.84 -35.21
N VAL C 17 6.14 17.59 -34.41
CA VAL C 17 7.02 18.65 -33.92
C VAL C 17 8.45 18.16 -34.07
N ASP C 18 9.23 18.86 -34.90
CA ASP C 18 10.59 18.45 -35.24
C ASP C 18 10.66 16.96 -35.61
N GLY C 19 9.72 16.52 -36.44
CA GLY C 19 9.70 15.16 -36.94
C GLY C 19 9.20 14.11 -35.96
N VAL C 20 8.70 14.57 -34.83
CA VAL C 20 8.18 13.67 -33.80
C VAL C 20 6.68 13.90 -33.61
N LYS C 21 5.90 12.84 -33.79
CA LYS C 21 4.46 12.98 -33.67
C LYS C 21 4.04 12.90 -32.21
N LEU C 22 3.62 14.03 -31.65
CA LEU C 22 3.19 14.07 -30.26
C LEU C 22 1.68 13.87 -30.14
N HIS C 23 1.26 13.04 -29.20
CA HIS C 23 -0.17 12.89 -28.91
C HIS C 23 -0.56 13.89 -27.84
N TYR C 24 -1.77 14.42 -27.93
CA TYR C 24 -2.25 15.31 -26.86
C TYR C 24 -3.76 15.27 -26.82
N VAL C 25 -4.31 15.72 -25.69
CA VAL C 25 -5.76 15.84 -25.52
C VAL C 25 -6.00 17.30 -25.21
N LYS C 26 -7.01 17.89 -25.87
CA LYS C 26 -7.19 19.33 -25.81
C LYS C 26 -8.67 19.69 -25.70
N GLY C 27 -8.95 20.75 -24.96
CA GLY C 27 -10.32 21.22 -24.78
C GLY C 27 -10.35 22.60 -24.15
N GLY C 28 -11.52 23.23 -24.20
CA GLY C 28 -11.67 24.53 -23.58
C GLY C 28 -11.35 25.70 -24.48
N GLN C 29 -11.48 26.90 -23.91
CA GLN C 29 -11.25 28.15 -24.61
C GLN C 29 -10.63 29.12 -23.62
N GLY C 30 -9.87 30.07 -24.12
CA GLY C 30 -9.16 31.02 -23.29
C GLY C 30 -7.66 30.83 -23.43
N PRO C 31 -6.87 31.50 -22.58
CA PRO C 31 -5.41 31.34 -22.57
C PRO C 31 -5.00 29.90 -22.36
N LEU C 32 -3.89 29.50 -22.99
CA LEU C 32 -3.45 28.11 -22.94
C LEU C 32 -2.86 27.71 -21.59
N VAL C 33 -3.24 26.52 -21.11
CA VAL C 33 -2.51 25.86 -20.04
C VAL C 33 -2.06 24.51 -20.53
N MET C 34 -0.78 24.19 -20.35
CA MET C 34 -0.28 22.88 -20.72
C MET C 34 0.03 22.09 -19.47
N LEU C 35 -0.45 20.85 -19.46
CA LEU C 35 -0.31 19.93 -18.33
C LEU C 35 0.58 18.77 -18.75
N VAL C 36 1.70 18.58 -18.05
CA VAL C 36 2.69 17.58 -18.47
C VAL C 36 2.90 16.51 -17.43
N HIS C 37 2.52 15.28 -17.77
CA HIS C 37 2.52 14.15 -16.85
C HIS C 37 3.96 13.67 -16.55
N GLY C 38 4.06 12.67 -15.68
CA GLY C 38 5.36 12.11 -15.31
C GLY C 38 5.49 10.60 -15.50
N PHE C 39 6.40 10.00 -14.76
CA PHE C 39 6.71 8.59 -14.94
C PHE C 39 5.56 7.66 -14.53
N GLY C 40 5.38 6.59 -15.30
CA GLY C 40 4.40 5.56 -15.00
C GLY C 40 3.01 5.91 -15.47
N GLN C 41 2.86 7.11 -16.04
CA GLN C 41 1.55 7.64 -16.38
C GLN C 41 1.53 8.30 -17.76
N THR C 42 0.43 8.98 -18.08
CA THR C 42 0.28 9.63 -19.38
C THR C 42 -0.55 10.88 -19.15
N TRP C 43 -1.01 11.49 -20.23
CA TRP C 43 -1.87 12.66 -20.13
C TRP C 43 -3.07 12.38 -19.19
N TYR C 44 -3.46 11.12 -19.13
CA TYR C 44 -4.67 10.72 -18.41
C TYR C 44 -4.64 11.09 -16.93
N GLU C 45 -3.46 11.26 -16.34
CA GLU C 45 -3.45 11.59 -14.92
C GLU C 45 -4.19 12.91 -14.65
N TRP C 46 -4.32 13.72 -15.70
CA TRP C 46 -4.90 15.05 -15.59
C TRP C 46 -6.39 15.07 -15.90
N HIS C 47 -6.97 13.92 -16.22
CA HIS C 47 -8.33 13.89 -16.78
C HIS C 47 -9.42 14.45 -15.85
N GLN C 48 -9.17 14.45 -14.54
CA GLN C 48 -10.14 15.01 -13.60
C GLN C 48 -10.01 16.53 -13.50
N LEU C 49 -8.76 16.99 -13.52
CA LEU C 49 -8.47 18.42 -13.53
C LEU C 49 -8.87 19.13 -14.84
N MET C 50 -8.75 18.43 -15.96
CA MET C 50 -8.89 19.09 -17.26
C MET C 50 -10.25 19.80 -17.49
N PRO C 51 -11.37 19.12 -17.20
CA PRO C 51 -12.68 19.73 -17.44
C PRO C 51 -12.92 20.98 -16.59
N GLU C 52 -12.39 20.97 -15.38
CA GLU C 52 -12.52 22.15 -14.50
C GLU C 52 -11.73 23.33 -15.06
N LEU C 53 -10.47 23.11 -15.43
CA LEU C 53 -9.65 24.14 -16.07
C LEU C 53 -10.23 24.62 -17.40
N ALA C 54 -10.87 23.72 -18.13
CA ALA C 54 -11.34 24.05 -19.47
C ALA C 54 -12.45 25.09 -19.45
N LYS C 55 -13.01 25.34 -18.27
CA LYS C 55 -14.06 26.34 -18.12
C LYS C 55 -13.47 27.73 -18.26
N ARG C 56 -12.16 27.85 -18.02
CA ARG C 56 -11.50 29.16 -18.06
C ARG C 56 -10.31 29.21 -19.02
N PHE C 57 -9.78 28.05 -19.41
CA PHE C 57 -8.58 28.02 -20.24
C PHE C 57 -8.72 27.09 -21.43
N THR C 58 -7.88 27.28 -22.44
CA THR C 58 -7.64 26.23 -23.41
C THR C 58 -6.62 25.30 -22.75
N VAL C 59 -6.95 24.02 -22.65
CA VAL C 59 -6.13 23.04 -21.92
C VAL C 59 -5.55 22.01 -22.87
N ILE C 60 -4.24 21.80 -22.79
CA ILE C 60 -3.58 20.79 -23.59
CA ILE C 60 -3.58 20.78 -23.58
C ILE C 60 -2.76 19.86 -22.70
N ALA C 61 -2.91 18.56 -22.92
CA ALA C 61 -2.20 17.57 -22.14
C ALA C 61 -1.55 16.57 -23.08
N PRO C 62 -0.26 16.78 -23.39
CA PRO C 62 0.49 15.89 -24.28
C PRO C 62 1.00 14.65 -23.58
N ASP C 63 1.23 13.59 -24.35
CA ASP C 63 2.02 12.47 -23.84
C ASP C 63 3.49 12.78 -24.09
N LEU C 64 4.34 12.61 -23.08
CA LEU C 64 5.78 12.80 -23.28
C LEU C 64 6.27 11.90 -24.41
N PRO C 65 7.29 12.36 -25.17
CA PRO C 65 7.82 11.54 -26.26
C PRO C 65 8.11 10.12 -25.81
N GLY C 66 7.62 9.15 -26.58
CA GLY C 66 7.85 7.74 -26.29
C GLY C 66 6.82 7.12 -25.38
N LEU C 67 6.16 7.94 -24.58
CA LEU C 67 5.18 7.47 -23.61
C LEU C 67 3.76 7.69 -24.15
N GLY C 68 2.78 7.02 -23.55
CA GLY C 68 1.43 7.10 -24.06
C GLY C 68 1.42 6.88 -25.58
N GLN C 69 0.76 7.77 -26.31
CA GLN C 69 0.65 7.62 -27.75
C GLN C 69 1.59 8.55 -28.53
N SER C 70 2.63 9.06 -27.87
CA SER C 70 3.63 9.92 -28.52
C SER C 70 4.86 9.14 -29.00
N GLU C 71 5.37 9.51 -30.17
CA GLU C 71 6.59 8.90 -30.70
C GLU C 71 7.80 9.30 -29.86
N PRO C 72 8.82 8.43 -29.81
CA PRO C 72 10.05 8.75 -29.09
C PRO C 72 10.70 9.99 -29.67
N PRO C 73 11.51 10.67 -28.87
CA PRO C 73 12.25 11.84 -29.35
C PRO C 73 13.29 11.39 -30.37
N LYS C 74 13.61 12.25 -31.32
CA LYS C 74 14.61 11.94 -32.32
C LYS C 74 15.99 12.46 -31.92
N THR C 75 16.01 13.40 -30.97
CA THR C 75 17.27 13.99 -30.50
C THR C 75 17.82 13.20 -29.32
N GLY C 76 17.11 13.26 -28.19
CA GLY C 76 17.51 12.52 -27.00
C GLY C 76 16.49 12.71 -25.90
N TYR C 77 16.80 12.19 -24.71
CA TYR C 77 15.85 12.20 -23.61
C TYR C 77 16.22 13.15 -22.49
N SER C 78 17.29 13.90 -22.66
CA SER C 78 17.70 14.86 -21.64
C SER C 78 16.67 15.99 -21.57
N GLY C 79 16.65 16.69 -20.45
CA GLY C 79 15.67 17.72 -20.20
C GLY C 79 15.66 18.73 -21.32
N GLU C 80 16.84 19.20 -21.69
CA GLU C 80 16.93 20.28 -22.66
C GLU C 80 16.47 19.84 -24.05
N GLN C 81 16.69 18.57 -24.38
CA GLN C 81 16.23 18.05 -25.65
C GLN C 81 14.71 17.86 -25.71
N VAL C 82 14.15 17.17 -24.72
CA VAL C 82 12.70 16.98 -24.66
C VAL C 82 11.94 18.30 -24.52
N ALA C 83 12.47 19.23 -23.72
CA ALA C 83 11.80 20.51 -23.52
C ALA C 83 11.52 21.24 -24.85
N VAL C 84 12.43 21.12 -25.82
CA VAL C 84 12.20 21.75 -27.13
C VAL C 84 10.89 21.30 -27.76
N TYR C 85 10.62 20.00 -27.73
CA TYR C 85 9.37 19.46 -28.30
C TYR C 85 8.14 20.05 -27.63
N LEU C 86 8.18 20.15 -26.29
CA LEU C 86 7.01 20.61 -25.57
C LEU C 86 6.81 22.12 -25.74
N HIS C 87 7.90 22.87 -25.77
CA HIS C 87 7.80 24.31 -25.97
C HIS C 87 7.22 24.58 -27.35
N LYS C 88 7.75 23.91 -28.36
CA LYS C 88 7.25 24.10 -29.71
C LYS C 88 5.79 23.68 -29.86
N LEU C 89 5.38 22.65 -29.12
CA LEU C 89 3.98 22.20 -29.18
C LEU C 89 3.08 23.29 -28.62
N ALA C 90 3.38 23.72 -27.39
CA ALA C 90 2.63 24.79 -26.73
C ALA C 90 2.56 26.03 -27.62
N ARG C 91 3.68 26.42 -28.20
CA ARG C 91 3.71 27.66 -29.00
C ARG C 91 2.91 27.58 -30.31
N GLN C 92 2.59 26.37 -30.75
CA GLN C 92 1.70 26.20 -31.90
C GLN C 92 0.26 26.59 -31.56
N PHE C 93 -0.13 26.45 -30.30
CA PHE C 93 -1.49 26.72 -29.87
C PHE C 93 -1.57 28.12 -29.22
N SER C 94 -0.43 28.62 -28.78
CA SER C 94 -0.32 29.94 -28.18
C SER C 94 0.90 30.71 -28.70
N PRO C 95 0.90 31.06 -30.00
CA PRO C 95 2.10 31.69 -30.58
C PRO C 95 2.25 33.18 -30.25
N ASP C 96 1.16 33.83 -29.83
CA ASP C 96 1.17 35.28 -29.63
C ASP C 96 1.01 35.71 -28.17
N ARG C 97 0.93 34.75 -27.26
CA ARG C 97 0.74 35.05 -25.84
CA ARG C 97 0.79 35.06 -25.84
C ARG C 97 1.44 33.99 -24.98
N PRO C 98 1.83 34.37 -23.74
CA PRO C 98 2.41 33.39 -22.81
C PRO C 98 1.38 32.35 -22.45
N PHE C 99 1.83 31.15 -22.10
CA PHE C 99 0.93 30.11 -21.63
C PHE C 99 1.29 29.69 -20.20
N ASP C 100 0.39 28.96 -19.54
CA ASP C 100 0.65 28.44 -18.21
C ASP C 100 1.15 27.00 -18.29
N LEU C 101 1.95 26.61 -17.31
CA LEU C 101 2.54 25.28 -17.32
C LEU C 101 2.31 24.60 -15.99
N VAL C 102 1.83 23.36 -16.04
CA VAL C 102 1.70 22.51 -14.86
C VAL C 102 2.43 21.22 -15.18
N ALA C 103 3.41 20.82 -14.35
CA ALA C 103 4.14 19.58 -14.57
C ALA C 103 4.29 18.73 -13.29
N HIS C 104 4.32 17.42 -13.46
CA HIS C 104 4.37 16.46 -12.36
C HIS C 104 5.50 15.47 -12.65
N SER C 105 6.26 15.10 -11.64
CA SER C 105 7.26 14.03 -11.81
C SER C 105 8.22 14.44 -12.94
N ILE C 106 8.54 13.53 -13.86
CA ILE C 106 9.54 13.84 -14.88
C ILE C 106 9.07 14.89 -15.87
N GLY C 107 7.78 15.22 -15.82
CA GLY C 107 7.27 16.38 -16.53
C GLY C 107 8.06 17.63 -16.18
N ILE C 108 8.49 17.74 -14.93
CA ILE C 108 9.35 18.85 -14.50
C ILE C 108 10.70 18.82 -15.21
N TRP C 109 11.32 17.64 -15.22
CA TRP C 109 12.62 17.48 -15.87
C TRP C 109 12.55 17.92 -17.31
N ASN C 110 11.40 17.65 -17.95
CA ASN C 110 11.26 17.86 -19.39
C ASN C 110 10.75 19.23 -19.75
N THR C 111 10.49 20.06 -18.75
CA THR C 111 9.99 21.40 -19.01
C THR C 111 10.90 22.47 -18.45
N TYR C 112 11.63 22.17 -17.39
CA TYR C 112 12.40 23.23 -16.74
C TYR C 112 13.28 23.98 -17.75
N PRO C 113 14.00 23.25 -18.61
CA PRO C 113 14.89 24.02 -19.48
C PRO C 113 14.14 24.98 -20.41
N MET C 114 12.93 24.64 -20.83
CA MET C 114 12.24 25.53 -21.73
C MET C 114 11.68 26.74 -20.99
N VAL C 115 11.35 26.55 -19.71
CA VAL C 115 10.87 27.65 -18.90
C VAL C 115 11.99 28.68 -18.66
N VAL C 116 13.17 28.18 -18.35
CA VAL C 116 14.27 29.09 -18.02
C VAL C 116 14.80 29.80 -19.27
N LYS C 117 14.77 29.12 -20.42
CA LYS C 117 15.24 29.71 -21.67
C LYS C 117 14.20 30.58 -22.39
N ASN C 118 12.93 30.44 -22.04
CA ASN C 118 11.88 31.23 -22.68
C ASN C 118 10.96 31.84 -21.62
N GLN C 119 11.55 32.52 -20.64
CA GLN C 119 10.75 33.00 -19.51
C GLN C 119 9.54 33.81 -19.94
N ALA C 120 9.70 34.63 -20.99
CA ALA C 120 8.59 35.45 -21.47
C ALA C 120 7.40 34.63 -21.98
N ASP C 121 7.64 33.38 -22.33
CA ASP C 121 6.56 32.52 -22.85
C ASP C 121 5.72 31.85 -21.77
N ILE C 122 6.21 31.88 -20.52
CA ILE C 122 5.55 31.20 -19.41
C ILE C 122 4.91 32.19 -18.44
N ALA C 123 3.58 32.24 -18.44
CA ALA C 123 2.83 33.16 -17.57
C ALA C 123 2.89 32.76 -16.10
N ARG C 124 2.45 31.54 -15.81
CA ARG C 124 2.47 31.00 -14.46
C ARG C 124 2.93 29.55 -14.52
N LEU C 125 3.54 29.08 -13.45
CA LEU C 125 4.17 27.78 -13.44
C LEU C 125 3.75 27.03 -12.16
N VAL C 126 3.37 25.77 -12.32
CA VAL C 126 3.09 24.90 -11.17
C VAL C 126 3.88 23.61 -11.35
N TYR C 127 4.74 23.30 -10.37
CA TYR C 127 5.54 22.08 -10.38
C TYR C 127 5.17 21.23 -9.18
N MET C 128 5.01 19.93 -9.37
CA MET C 128 4.68 19.06 -8.24
C MET C 128 5.41 17.73 -8.27
N GLU C 129 5.93 17.33 -7.11
CA GLU C 129 6.37 15.95 -6.93
C GLU C 129 7.49 15.47 -7.87
N ALA C 130 8.61 16.18 -7.84
CA ALA C 130 9.85 15.67 -8.37
C ALA C 130 10.92 16.71 -8.21
N PRO C 131 12.16 16.27 -7.98
CA PRO C 131 13.22 17.27 -7.95
C PRO C 131 13.54 17.78 -9.35
N ILE C 132 13.84 19.06 -9.48
CA ILE C 132 14.48 19.56 -10.70
C ILE C 132 15.84 18.88 -10.71
N PRO C 133 16.27 18.36 -11.87
CA PRO C 133 17.56 17.66 -11.83
C PRO C 133 18.71 18.61 -11.51
N ASP C 134 19.33 18.39 -10.35
CA ASP C 134 20.56 19.09 -9.95
C ASP C 134 21.31 18.23 -8.93
N ALA C 135 22.36 18.80 -8.34
CA ALA C 135 23.22 18.06 -7.42
C ALA C 135 22.50 17.52 -6.16
N ARG C 136 21.37 18.11 -5.81
CA ARG C 136 20.59 17.64 -4.67
C ARG C 136 20.14 16.18 -4.83
N ILE C 137 19.93 15.73 -6.07
CA ILE C 137 19.48 14.35 -6.27
C ILE C 137 20.52 13.33 -5.79
N TYR C 138 21.75 13.77 -5.59
CA TYR C 138 22.82 12.86 -5.20
C TYR C 138 22.87 12.71 -3.71
N ARG C 139 21.99 13.43 -3.00
CA ARG C 139 21.97 13.42 -1.54
CA ARG C 139 22.00 13.39 -1.54
C ARG C 139 20.85 12.55 -0.99
N PHE C 140 19.99 12.06 -1.87
CA PHE C 140 18.91 11.19 -1.43
C PHE C 140 19.51 9.84 -1.02
N PRO C 141 18.98 9.22 0.05
CA PRO C 141 19.55 7.94 0.49
C PRO C 141 19.05 6.76 -0.34
N ALA C 142 19.88 5.74 -0.46
CA ALA C 142 19.53 4.49 -1.11
C ALA C 142 18.60 3.63 -0.26
N PHE C 143 18.59 3.88 1.04
CA PHE C 143 17.89 3.00 1.97
C PHE C 143 17.52 3.78 3.22
N THR C 144 16.34 3.51 3.78
CA THR C 144 15.89 4.29 4.92
C THR C 144 15.52 3.35 6.06
N ALA C 145 15.50 3.90 7.27
CA ALA C 145 15.17 3.12 8.46
C ALA C 145 13.75 2.58 8.40
N GLN C 146 12.97 3.04 7.41
CA GLN C 146 11.60 2.56 7.23
CA GLN C 146 11.60 2.59 7.22
C GLN C 146 11.49 1.56 6.09
N GLY C 147 12.48 1.56 5.20
CA GLY C 147 12.53 0.63 4.08
C GLY C 147 13.00 1.25 2.78
N GLU C 148 12.38 0.88 1.67
CA GLU C 148 12.84 1.41 0.39
C GLU C 148 12.71 2.94 0.36
N SER C 149 13.67 3.59 -0.30
CA SER C 149 13.77 5.05 -0.31
C SER C 149 13.00 5.64 -1.47
N LEU C 150 12.90 6.97 -1.50
CA LEU C 150 12.09 7.60 -2.52
C LEU C 150 12.69 7.42 -3.92
N VAL C 151 14.02 7.48 -4.06
CA VAL C 151 14.54 7.52 -5.41
C VAL C 151 15.59 6.48 -5.75
N TRP C 152 15.57 5.36 -5.04
CA TRP C 152 16.44 4.26 -5.41
C TRP C 152 16.18 3.80 -6.84
N HIS C 153 14.98 4.03 -7.35
CA HIS C 153 14.68 3.62 -8.72
C HIS C 153 15.51 4.44 -9.72
N PHE C 154 16.00 5.62 -9.31
CA PHE C 154 16.89 6.38 -10.19
C PHE C 154 18.02 5.46 -10.68
N SER C 155 18.69 4.78 -9.76
CA SER C 155 19.80 3.89 -10.14
C SER C 155 19.30 2.70 -10.93
N PHE C 156 18.23 2.08 -10.45
CA PHE C 156 17.60 0.95 -11.15
C PHE C 156 17.33 1.29 -12.60
N PHE C 157 16.63 2.39 -12.82
CA PHE C 157 16.21 2.80 -14.15
C PHE C 157 17.38 3.26 -15.03
N ALA C 158 18.39 3.84 -14.39
CA ALA C 158 19.53 4.38 -15.14
C ALA C 158 20.59 3.31 -15.44
N ALA C 159 20.52 2.17 -14.76
CA ALA C 159 21.55 1.14 -14.91
C ALA C 159 21.73 0.70 -16.36
N ASP C 160 22.97 0.46 -16.77
CA ASP C 160 23.17 0.07 -18.16
CA ASP C 160 23.30 0.02 -18.12
C ASP C 160 22.74 -1.38 -18.39
N ASP C 161 23.00 -1.89 -19.59
CA ASP C 161 22.64 -3.25 -19.96
C ASP C 161 21.14 -3.44 -20.03
N ARG C 162 20.40 -2.34 -20.16
CA ARG C 162 18.94 -2.40 -20.17
C ARG C 162 18.45 -3.27 -19.02
N LEU C 163 19.08 -3.12 -17.87
CA LEU C 163 18.72 -3.93 -16.71
C LEU C 163 17.21 -3.83 -16.42
N ALA C 164 16.72 -2.59 -16.34
CA ALA C 164 15.33 -2.34 -15.98
C ALA C 164 14.32 -2.98 -16.94
N GLU C 165 14.42 -2.67 -18.24
CA GLU C 165 13.50 -3.23 -19.23
CA GLU C 165 13.48 -3.22 -19.20
C GLU C 165 13.60 -4.73 -19.26
N THR C 166 14.81 -5.25 -19.06
CA THR C 166 15.01 -6.67 -19.16
C THR C 166 14.34 -7.39 -17.98
N LEU C 167 14.37 -6.78 -16.80
CA LEU C 167 13.72 -7.38 -15.63
C LEU C 167 12.20 -7.22 -15.69
N ILE C 168 11.77 -6.07 -16.20
CA ILE C 168 10.36 -5.71 -16.08
C ILE C 168 9.50 -6.19 -17.26
N ALA C 169 10.14 -6.49 -18.38
CA ALA C 169 9.42 -7.01 -19.54
C ALA C 169 8.64 -8.27 -19.15
N GLY C 170 7.36 -8.32 -19.53
CA GLY C 170 6.51 -9.45 -19.21
C GLY C 170 5.95 -9.37 -17.80
N LYS C 171 6.34 -8.34 -17.06
CA LYS C 171 5.87 -8.16 -15.70
C LYS C 171 5.50 -6.70 -15.43
N GLU C 172 5.15 -5.98 -16.50
CA GLU C 172 4.92 -4.55 -16.39
C GLU C 172 3.76 -4.23 -15.47
N ARG C 173 2.69 -5.01 -15.57
CA ARG C 173 1.49 -4.72 -14.78
C ARG C 173 1.78 -4.90 -13.28
N PHE C 174 2.52 -5.96 -12.93
CA PHE C 174 2.94 -6.18 -11.54
C PHE C 174 3.84 -5.06 -11.05
N PHE C 175 4.83 -4.69 -11.86
CA PHE C 175 5.77 -3.66 -11.43
C PHE C 175 5.11 -2.31 -11.19
N LEU C 176 4.23 -1.90 -12.10
CA LEU C 176 3.63 -0.58 -12.01
C LEU C 176 2.76 -0.51 -10.77
N GLU C 177 2.02 -1.56 -10.49
CA GLU C 177 1.21 -1.55 -9.28
C GLU C 177 2.11 -1.38 -8.05
N HIS C 178 3.21 -2.13 -7.97
CA HIS C 178 4.09 -1.98 -6.81
C HIS C 178 4.71 -0.59 -6.74
N PHE C 179 5.20 -0.10 -7.87
CA PHE C 179 5.86 1.20 -7.90
C PHE C 179 4.91 2.31 -7.49
N ILE C 180 3.73 2.32 -8.10
CA ILE C 180 2.77 3.36 -7.78
C ILE C 180 2.34 3.30 -6.31
N LYS C 181 1.89 2.14 -5.87
CA LYS C 181 1.44 2.01 -4.48
C LYS C 181 2.53 2.25 -3.44
N SER C 182 3.76 1.82 -3.72
CA SER C 182 4.83 2.07 -2.77
C SER C 182 5.13 3.56 -2.61
N HIS C 183 4.75 4.35 -3.62
CA HIS C 183 4.97 5.80 -3.61
C HIS C 183 3.70 6.57 -3.29
N ALA C 184 2.70 5.88 -2.76
CA ALA C 184 1.41 6.50 -2.46
C ALA C 184 1.08 6.45 -0.99
N SER C 185 0.25 7.41 -0.55
CA SER C 185 -0.36 7.38 0.78
C SER C 185 -1.78 6.86 0.65
N ASN C 186 -2.55 7.44 -0.28
CA ASN C 186 -3.90 6.99 -0.56
CA ASN C 186 -3.91 7.02 -0.58
C ASN C 186 -3.89 5.97 -1.69
N THR C 187 -3.51 4.74 -1.35
CA THR C 187 -3.30 3.72 -2.37
C THR C 187 -4.58 3.24 -3.01
N GLU C 188 -5.70 3.49 -2.32
CA GLU C 188 -6.99 2.96 -2.72
CA GLU C 188 -6.98 2.93 -2.72
C GLU C 188 -7.51 3.49 -4.05
N VAL C 189 -7.05 4.67 -4.43
CA VAL C 189 -7.48 5.28 -5.68
C VAL C 189 -6.94 4.50 -6.88
N PHE C 190 -5.90 3.70 -6.65
CA PHE C 190 -5.35 2.89 -7.72
C PHE C 190 -6.00 1.53 -7.84
N SER C 191 -7.25 1.54 -8.32
CA SER C 191 -8.00 0.33 -8.62
C SER C 191 -7.29 -0.50 -9.66
N GLU C 192 -7.62 -1.80 -9.66
CA GLU C 192 -7.05 -2.71 -10.62
C GLU C 192 -7.34 -2.25 -12.03
N ARG C 193 -8.53 -1.68 -12.22
CA ARG C 193 -8.95 -1.17 -13.52
C ARG C 193 -8.07 -0.01 -14.00
N LEU C 194 -7.77 0.93 -13.12
CA LEU C 194 -6.92 2.05 -13.50
C LEU C 194 -5.50 1.56 -13.75
N LEU C 195 -5.00 0.72 -12.87
CA LEU C 195 -3.67 0.14 -13.03
C LEU C 195 -3.57 -0.60 -14.37
N ASP C 196 -4.63 -1.32 -14.76
CA ASP C 196 -4.63 -1.98 -16.06
C ASP C 196 -4.42 -0.99 -17.21
N LEU C 197 -5.11 0.15 -17.17
CA LEU C 197 -4.96 1.18 -18.21
C LEU C 197 -3.54 1.72 -18.28
N TYR C 198 -2.98 2.08 -17.14
CA TYR C 198 -1.61 2.60 -17.17
C TYR C 198 -0.60 1.53 -17.58
N ALA C 199 -0.78 0.32 -17.10
CA ALA C 199 0.16 -0.74 -17.43
C ALA C 199 0.17 -1.06 -18.93
N ARG C 200 -0.99 -1.07 -19.58
CA ARG C 200 -1.07 -1.43 -21.00
C ARG C 200 -0.32 -0.41 -21.83
N SER C 201 -0.29 0.83 -21.35
CA SER C 201 0.33 1.89 -22.12
C SER C 201 1.84 1.79 -22.02
N TYR C 202 2.37 1.70 -20.81
CA TYR C 202 3.83 1.70 -20.70
C TYR C 202 4.45 0.32 -20.96
N ALA C 203 3.60 -0.69 -21.14
CA ALA C 203 4.10 -2.01 -21.54
C ALA C 203 4.41 -2.09 -23.03
N LYS C 204 4.00 -1.09 -23.80
CA LYS C 204 4.43 -1.02 -25.20
C LYS C 204 5.96 -1.02 -25.20
N PRO C 205 6.58 -1.97 -25.91
CA PRO C 205 8.03 -2.11 -25.83
C PRO C 205 8.81 -0.80 -25.95
N HIS C 206 8.46 0.06 -26.90
CA HIS C 206 9.15 1.34 -27.04
C HIS C 206 8.85 2.26 -25.88
N SER C 207 7.67 2.10 -25.26
CA SER C 207 7.34 2.94 -24.11
C SER C 207 8.08 2.50 -22.85
N LEU C 208 8.24 1.20 -22.67
CA LEU C 208 8.97 0.71 -21.50
C LEU C 208 10.39 1.24 -21.60
N ASN C 209 10.95 1.18 -22.80
CA ASN C 209 12.31 1.70 -23.01
C ASN C 209 12.40 3.21 -22.85
N ALA C 210 11.45 3.94 -23.45
CA ALA C 210 11.43 5.40 -23.30
C ALA C 210 11.37 5.80 -21.83
N SER C 211 10.58 5.08 -21.03
CA SER C 211 10.42 5.40 -19.62
C SER C 211 11.77 5.47 -18.92
N PHE C 212 12.61 4.49 -19.19
CA PHE C 212 13.92 4.40 -18.55
C PHE C 212 14.98 5.31 -19.17
N GLU C 213 14.81 5.63 -20.45
CA GLU C 213 15.74 6.55 -21.11
C GLU C 213 15.76 7.93 -20.42
N TYR C 214 14.61 8.39 -19.91
CA TYR C 214 14.58 9.64 -19.16
C TYR C 214 15.55 9.62 -17.97
N TYR C 215 15.63 8.48 -17.29
CA TYR C 215 16.51 8.36 -16.12
C TYR C 215 17.96 8.18 -16.54
N ARG C 216 18.17 7.51 -17.67
CA ARG C 216 19.50 7.34 -18.22
C ARG C 216 20.09 8.68 -18.67
N ALA C 217 19.22 9.64 -18.96
CA ALA C 217 19.66 10.97 -19.35
C ALA C 217 19.71 11.93 -18.16
N LEU C 218 19.42 11.43 -16.96
CA LEU C 218 19.24 12.29 -15.80
C LEU C 218 20.52 13.05 -15.47
N ASN C 219 21.65 12.34 -15.46
CA ASN C 219 22.91 12.99 -15.18
C ASN C 219 23.24 14.09 -16.19
N GLU C 220 22.94 13.84 -17.46
CA GLU C 220 23.09 14.88 -18.47
C GLU C 220 22.19 16.07 -18.15
N SER C 221 20.95 15.79 -17.75
CA SER C 221 20.03 16.88 -17.41
C SER C 221 20.58 17.66 -16.22
N VAL C 222 21.17 16.95 -15.26
CA VAL C 222 21.79 17.64 -14.13
C VAL C 222 22.86 18.60 -14.65
N ARG C 223 23.73 18.10 -15.53
CA ARG C 223 24.78 18.95 -16.09
C ARG C 223 24.23 20.13 -16.88
N GLN C 224 23.19 19.89 -17.67
CA GLN C 224 22.52 20.96 -18.41
C GLN C 224 22.00 22.04 -17.45
N ASN C 225 21.31 21.61 -16.39
CA ASN C 225 20.68 22.54 -15.47
C ASN C 225 21.67 23.34 -14.63
N ALA C 226 22.90 22.85 -14.49
CA ALA C 226 23.94 23.58 -13.76
C ALA C 226 24.24 24.92 -14.43
N GLU C 227 24.24 24.92 -15.76
CA GLU C 227 24.41 26.14 -16.55
C GLU C 227 23.13 26.99 -16.60
N LEU C 228 22.00 26.37 -16.87
CA LEU C 228 20.74 27.09 -16.98
C LEU C 228 20.35 27.81 -15.68
N ALA C 229 20.68 27.21 -14.54
CA ALA C 229 20.24 27.73 -13.24
C ALA C 229 20.91 29.05 -12.87
N LYS C 230 21.93 29.43 -13.63
CA LYS C 230 22.60 30.71 -13.44
C LYS C 230 21.59 31.84 -13.54
N THR C 231 20.42 31.54 -14.11
CA THR C 231 19.33 32.50 -14.28
C THR C 231 18.07 32.07 -13.53
N ARG C 232 17.65 32.89 -12.58
CA ARG C 232 16.48 32.63 -11.75
C ARG C 232 15.17 32.84 -12.49
N LEU C 233 14.16 32.03 -12.16
CA LEU C 233 12.82 32.19 -12.75
C LEU C 233 12.09 33.39 -12.15
N GLN C 234 11.45 34.17 -13.00
CA GLN C 234 10.84 35.43 -12.57
C GLN C 234 9.32 35.40 -12.50
N MET C 235 8.70 34.36 -13.05
CA MET C 235 7.25 34.34 -13.15
C MET C 235 6.69 33.66 -11.91
N PRO C 236 5.42 33.96 -11.58
CA PRO C 236 4.80 33.35 -10.40
C PRO C 236 4.82 31.83 -10.49
N THR C 237 5.21 31.19 -9.41
CA THR C 237 5.33 29.74 -9.40
C THR C 237 4.72 29.18 -8.12
N MET C 238 4.19 27.97 -8.22
CA MET C 238 3.65 27.26 -7.06
C MET C 238 4.21 25.87 -7.10
N THR C 239 4.65 25.36 -5.94
CA THR C 239 5.02 23.96 -5.84
C THR C 239 4.01 23.22 -4.97
N LEU C 240 3.68 21.99 -5.38
CA LEU C 240 2.91 21.10 -4.50
C LEU C 240 3.71 19.83 -4.26
N ALA C 241 3.58 19.29 -3.05
CA ALA C 241 4.22 18.02 -2.73
C ALA C 241 3.31 17.26 -1.78
N GLY C 242 3.44 15.93 -1.81
CA GLY C 242 2.72 15.10 -0.87
C GLY C 242 3.40 15.10 0.49
N GLY C 243 2.62 15.18 1.55
CA GLY C 243 3.19 15.10 2.90
C GLY C 243 3.10 13.71 3.50
N GLY C 244 2.44 12.80 2.78
CA GLY C 244 2.26 11.45 3.27
C GLY C 244 3.30 10.48 2.70
N HIS C 245 3.10 9.19 2.93
CA HIS C 245 4.04 8.18 2.44
C HIS C 245 4.31 8.33 0.94
N GLY C 246 5.58 8.42 0.56
CA GLY C 246 5.93 8.54 -0.85
C GLY C 246 6.01 9.94 -1.42
N GLY C 247 5.65 10.93 -0.63
CA GLY C 247 5.67 12.31 -1.08
C GLY C 247 7.01 12.98 -0.84
N MET C 248 7.27 14.07 -1.56
CA MET C 248 8.54 14.79 -1.46
C MET C 248 8.61 15.72 -0.25
N GLY C 249 7.46 15.96 0.38
CA GLY C 249 7.40 16.80 1.57
C GLY C 249 7.98 18.18 1.35
N THR C 250 8.79 18.66 2.31
CA THR C 250 9.27 20.03 2.25
C THR C 250 10.34 20.25 1.18
N PHE C 251 10.84 19.15 0.63
CA PHE C 251 11.93 19.25 -0.33
C PHE C 251 11.53 20.08 -1.53
N GLN C 252 10.29 19.90 -1.98
CA GLN C 252 9.84 20.50 -3.23
C GLN C 252 9.99 22.01 -3.21
N LEU C 253 9.43 22.64 -2.18
CA LEU C 253 9.51 24.08 -2.01
C LEU C 253 10.93 24.54 -1.71
N GLU C 254 11.61 23.86 -0.80
CA GLU C 254 12.97 24.28 -0.46
C GLU C 254 13.88 24.31 -1.68
N GLN C 255 13.81 23.31 -2.55
CA GLN C 255 14.63 23.31 -3.76
C GLN C 255 14.19 24.43 -4.67
N MET C 256 12.88 24.59 -4.83
CA MET C 256 12.36 25.60 -5.75
C MET C 256 12.76 27.02 -5.36
N LYS C 257 12.96 27.26 -4.07
CA LYS C 257 13.35 28.59 -3.63
C LYS C 257 14.71 28.98 -4.20
N ALA C 258 15.51 27.99 -4.58
CA ALA C 258 16.82 28.29 -5.15
C ALA C 258 16.70 28.62 -6.63
N TYR C 259 15.52 28.37 -7.21
CA TYR C 259 15.31 28.56 -8.64
C TYR C 259 14.41 29.73 -8.99
N ALA C 260 13.47 30.06 -8.12
CA ALA C 260 12.41 31.03 -8.43
C ALA C 260 12.36 32.18 -7.43
N GLU C 261 12.08 33.37 -7.94
CA GLU C 261 11.98 34.55 -7.09
C GLU C 261 10.62 34.62 -6.43
N ASP C 262 9.61 34.17 -7.16
CA ASP C 262 8.24 34.29 -6.72
C ASP C 262 7.68 32.87 -6.58
N VAL C 263 7.72 32.32 -5.37
CA VAL C 263 7.28 30.95 -5.18
C VAL C 263 6.52 30.74 -3.88
N GLU C 264 5.38 30.06 -3.99
CA GLU C 264 4.62 29.65 -2.82
C GLU C 264 4.50 28.13 -2.89
N GLY C 265 4.61 27.46 -1.75
CA GLY C 265 4.57 26.01 -1.76
C GLY C 265 3.52 25.45 -0.82
N HIS C 266 3.01 24.28 -1.16
CA HIS C 266 2.07 23.55 -0.32
C HIS C 266 2.48 22.10 -0.19
N VAL C 267 2.30 21.58 1.03
CA VAL C 267 2.48 20.15 1.27
C VAL C 267 1.10 19.62 1.64
N LEU C 268 0.66 18.60 0.91
CA LEU C 268 -0.68 18.07 1.10
C LEU C 268 -0.67 16.85 2.01
N PRO C 269 -1.23 16.98 3.21
CA PRO C 269 -1.21 15.87 4.18
C PRO C 269 -1.98 14.66 3.70
N GLY C 270 -1.52 13.46 4.03
CA GLY C 270 -2.19 12.23 3.65
C GLY C 270 -2.19 11.95 2.16
N CYS C 271 -1.25 12.58 1.45
CA CYS C 271 -1.08 12.38 0.00
C CYS C 271 0.37 12.03 -0.25
N GLY C 272 0.59 11.06 -1.13
CA GLY C 272 1.94 10.71 -1.55
C GLY C 272 2.42 11.41 -2.83
N HIS C 273 2.94 10.60 -3.73
CA HIS C 273 3.54 11.10 -4.95
C HIS C 273 2.52 11.49 -6.02
N TRP C 274 1.38 10.79 -6.03
CA TRP C 274 0.48 10.87 -7.17
C TRP C 274 -0.67 11.82 -6.87
N LEU C 275 -0.36 13.11 -6.75
CA LEU C 275 -1.33 14.09 -6.25
C LEU C 275 -2.66 14.15 -7.02
N PRO C 276 -2.61 14.16 -8.36
CA PRO C 276 -3.86 14.31 -9.11
C PRO C 276 -4.89 13.24 -8.81
N GLU C 277 -4.46 12.03 -8.45
CA GLU C 277 -5.35 10.91 -8.18
C GLU C 277 -5.56 10.67 -6.68
N GLU C 278 -4.48 10.73 -5.89
CA GLU C 278 -4.59 10.54 -4.44
C GLU C 278 -5.35 11.66 -3.76
N CYS C 279 -5.21 12.87 -4.28
CA CYS C 279 -5.78 14.04 -3.59
C CYS C 279 -6.37 15.05 -4.54
N ALA C 280 -7.27 14.59 -5.39
CA ALA C 280 -7.79 15.40 -6.49
C ALA C 280 -8.50 16.67 -6.03
N ALA C 281 -9.30 16.58 -4.97
CA ALA C 281 -10.04 17.76 -4.54
C ALA C 281 -9.12 18.92 -4.15
N PRO C 282 -8.22 18.72 -3.17
CA PRO C 282 -7.35 19.83 -2.77
C PRO C 282 -6.35 20.22 -3.85
N MET C 283 -5.84 19.28 -4.61
CA MET C 283 -4.86 19.61 -5.64
C MET C 283 -5.49 20.44 -6.74
N ASN C 284 -6.62 19.97 -7.25
CA ASN C 284 -7.30 20.71 -8.30
C ASN C 284 -7.64 22.13 -7.85
N ARG C 285 -8.18 22.27 -6.64
CA ARG C 285 -8.53 23.59 -6.14
C ARG C 285 -7.29 24.49 -6.06
N LEU C 286 -6.18 23.95 -5.54
CA LEU C 286 -4.96 24.73 -5.46
C LEU C 286 -4.48 25.19 -6.84
N VAL C 287 -4.55 24.29 -7.81
CA VAL C 287 -4.06 24.61 -9.16
C VAL C 287 -4.98 25.60 -9.89
N ILE C 288 -6.27 25.34 -9.83
CA ILE C 288 -7.26 26.24 -10.41
C ILE C 288 -7.16 27.65 -9.82
N ASP C 289 -7.14 27.74 -8.49
CA ASP C 289 -7.04 29.04 -7.84
C ASP C 289 -5.77 29.78 -8.24
N PHE C 290 -4.66 29.05 -8.34
CA PHE C 290 -3.37 29.67 -8.61
C PHE C 290 -3.30 30.22 -10.03
N LEU C 291 -3.80 29.46 -10.99
CA LEU C 291 -3.81 29.90 -12.38
C LEU C 291 -4.87 30.98 -12.63
N SER C 292 -5.93 30.96 -11.84
CA SER C 292 -7.01 31.92 -12.04
C SER C 292 -6.67 33.32 -11.51
N ARG C 293 -5.51 33.45 -10.87
CA ARG C 293 -5.02 34.77 -10.48
C ARG C 293 -4.66 35.55 -11.74
N GLY C 294 -4.10 34.84 -12.71
CA GLY C 294 -3.80 35.43 -14.01
C GLY C 294 -5.06 35.56 -14.84
N ARG C 295 -5.00 36.37 -15.89
CA ARG C 295 -6.17 36.59 -16.74
C ARG C 295 -6.77 35.27 -17.25
N HIS C 296 -8.09 35.11 -17.10
CA HIS C 296 -8.77 33.91 -17.58
C HIS C 296 -10.15 34.19 -18.18
N HIS C 297 -10.73 33.16 -18.80
CA HIS C 297 -12.03 33.25 -19.45
C HIS C 297 -13.20 32.91 -18.53
N ALA D 1 25.04 -35.05 -5.59
CA ALA D 1 25.15 -33.86 -6.43
C ALA D 1 25.69 -32.68 -5.63
N GLU D 2 26.68 -31.99 -6.20
CA GLU D 2 27.21 -30.78 -5.60
C GLU D 2 26.99 -29.61 -6.53
N GLU D 3 26.65 -28.46 -5.97
CA GLU D 3 26.47 -27.25 -6.76
C GLU D 3 27.82 -26.69 -7.19
N PHE D 4 28.85 -26.94 -6.39
CA PHE D 4 30.18 -26.45 -6.72
C PHE D 4 31.23 -27.54 -6.48
N PRO D 5 32.31 -27.53 -7.27
CA PRO D 5 33.39 -28.51 -7.12
C PRO D 5 34.07 -28.40 -5.76
N VAL D 6 34.18 -29.51 -5.05
CA VAL D 6 34.89 -29.55 -3.77
C VAL D 6 36.41 -29.70 -4.03
N PRO D 7 37.22 -28.84 -3.39
CA PRO D 7 38.69 -28.98 -3.46
C PRO D 7 39.13 -30.36 -2.96
N ASN D 8 40.19 -30.90 -3.54
CA ASN D 8 40.73 -32.17 -3.06
C ASN D 8 41.17 -32.06 -1.60
N GLY D 9 40.84 -33.08 -0.82
CA GLY D 9 41.20 -33.10 0.59
C GLY D 9 40.12 -32.47 1.46
N PHE D 10 39.03 -32.03 0.83
CA PHE D 10 37.92 -31.44 1.57
C PHE D 10 36.69 -32.34 1.47
N GLU D 11 35.80 -32.23 2.45
CA GLU D 11 34.54 -32.95 2.40
C GLU D 11 33.36 -31.98 2.40
N SER D 12 32.30 -32.37 1.68
CA SER D 12 31.03 -31.68 1.72
C SER D 12 30.14 -32.50 2.62
N ALA D 13 29.60 -31.86 3.67
CA ALA D 13 28.78 -32.57 4.63
C ALA D 13 27.67 -31.67 5.17
N TYR D 14 26.90 -32.20 6.10
CA TYR D 14 25.74 -31.48 6.65
C TYR D 14 25.67 -31.73 8.14
N ARG D 15 25.15 -30.75 8.86
CA ARG D 15 24.88 -30.91 10.27
C ARG D 15 23.56 -30.22 10.58
N GLU D 16 22.77 -30.83 11.46
CA GLU D 16 21.59 -30.17 11.98
C GLU D 16 22.03 -29.22 13.06
N VAL D 17 21.54 -27.99 12.97
CA VAL D 17 21.72 -26.99 14.02
C VAL D 17 20.38 -26.36 14.31
N ASP D 18 19.86 -26.56 15.52
CA ASP D 18 18.53 -26.08 15.86
C ASP D 18 17.47 -26.45 14.83
N GLY D 19 17.50 -27.69 14.34
CA GLY D 19 16.47 -28.17 13.43
C GLY D 19 16.67 -27.76 11.97
N VAL D 20 17.77 -27.06 11.69
CA VAL D 20 18.05 -26.60 10.33
C VAL D 20 19.24 -27.35 9.77
N LYS D 21 19.08 -27.92 8.59
CA LYS D 21 20.17 -28.68 7.99
C LYS D 21 21.13 -27.76 7.25
N LEU D 22 22.31 -27.55 7.82
CA LEU D 22 23.33 -26.69 7.22
C LEU D 22 24.36 -27.48 6.42
N HIS D 23 24.67 -26.98 5.21
CA HIS D 23 25.69 -27.58 4.37
C HIS D 23 26.99 -26.85 4.60
N TYR D 24 28.10 -27.57 4.53
CA TYR D 24 29.40 -26.93 4.67
C TYR D 24 30.46 -27.79 4.01
N VAL D 25 31.60 -27.19 3.74
CA VAL D 25 32.73 -27.90 3.17
C VAL D 25 33.90 -27.71 4.12
N LYS D 26 34.56 -28.82 4.47
CA LYS D 26 35.49 -28.81 5.59
C LYS D 26 36.76 -29.60 5.25
N GLY D 27 37.91 -29.08 5.68
CA GLY D 27 39.16 -29.78 5.49
C GLY D 27 40.23 -29.22 6.39
N GLY D 28 41.40 -29.84 6.39
CA GLY D 28 42.53 -29.33 7.13
C GLY D 28 42.65 -29.89 8.54
N GLN D 29 43.65 -29.41 9.27
CA GLN D 29 43.87 -29.84 10.64
C GLN D 29 44.40 -28.65 11.43
N GLY D 30 44.12 -28.63 12.73
CA GLY D 30 44.55 -27.54 13.61
C GLY D 30 43.34 -26.79 14.13
N PRO D 31 43.56 -25.59 14.68
CA PRO D 31 42.45 -24.74 15.15
C PRO D 31 41.48 -24.42 14.01
N LEU D 32 40.23 -24.13 14.38
CA LEU D 32 39.15 -23.95 13.42
C LEU D 32 39.08 -22.53 12.88
N VAL D 33 38.95 -22.41 11.56
CA VAL D 33 38.62 -21.14 10.91
C VAL D 33 37.31 -21.31 10.15
N MET D 34 36.32 -20.51 10.49
CA MET D 34 35.07 -20.54 9.73
CA MET D 34 35.05 -20.53 9.75
C MET D 34 35.04 -19.39 8.74
N LEU D 35 34.72 -19.72 7.49
CA LEU D 35 34.65 -18.74 6.41
C LEU D 35 33.20 -18.58 5.99
N VAL D 36 32.66 -17.37 6.10
CA VAL D 36 31.24 -17.14 5.82
C VAL D 36 31.04 -16.22 4.61
N HIS D 37 30.44 -16.77 3.56
CA HIS D 37 30.22 -16.09 2.29
C HIS D 37 29.10 -15.07 2.39
N GLY D 38 28.86 -14.33 1.29
CA GLY D 38 27.82 -13.32 1.27
C GLY D 38 26.84 -13.47 0.12
N PHE D 39 26.19 -12.37 -0.25
CA PHE D 39 25.14 -12.42 -1.25
C PHE D 39 25.65 -12.78 -2.64
N GLY D 40 24.82 -13.49 -3.39
CA GLY D 40 25.11 -13.86 -4.76
C GLY D 40 26.02 -15.07 -4.84
N GLN D 41 26.47 -15.54 -3.69
CA GLN D 41 27.49 -16.58 -3.65
C GLN D 41 27.21 -17.64 -2.62
N THR D 42 28.20 -18.51 -2.42
CA THR D 42 28.06 -19.65 -1.54
C THR D 42 29.44 -19.93 -0.97
N TRP D 43 29.57 -21.04 -0.24
CA TRP D 43 30.86 -21.45 0.33
C TRP D 43 31.94 -21.39 -0.74
N TYR D 44 31.55 -21.57 -1.99
CA TYR D 44 32.52 -21.72 -3.08
C TYR D 44 33.41 -20.48 -3.29
N GLU D 45 32.95 -19.30 -2.87
CA GLU D 45 33.79 -18.12 -3.03
C GLU D 45 35.14 -18.32 -2.29
N TRP D 46 35.19 -19.23 -1.33
CA TRP D 46 36.44 -19.42 -0.57
C TRP D 46 37.32 -20.55 -1.12
N HIS D 47 36.92 -21.15 -2.23
CA HIS D 47 37.56 -22.40 -2.67
C HIS D 47 39.05 -22.27 -3.00
N GLN D 48 39.51 -21.05 -3.27
CA GLN D 48 40.95 -20.85 -3.50
C GLN D 48 41.68 -20.64 -2.18
N LEU D 49 41.03 -19.96 -1.24
CA LEU D 49 41.66 -19.74 0.06
C LEU D 49 41.74 -21.06 0.83
N MET D 50 40.69 -21.87 0.72
CA MET D 50 40.56 -23.04 1.60
C MET D 50 41.78 -23.98 1.62
N PRO D 51 42.24 -24.43 0.44
CA PRO D 51 43.41 -25.31 0.37
C PRO D 51 44.66 -24.73 1.04
N GLU D 52 44.89 -23.43 0.88
CA GLU D 52 46.05 -22.80 1.50
C GLU D 52 45.92 -22.71 3.02
N LEU D 53 44.74 -22.30 3.48
CA LEU D 53 44.48 -22.19 4.91
C LEU D 53 44.55 -23.55 5.58
N ALA D 54 44.06 -24.56 4.87
CA ALA D 54 44.00 -25.92 5.39
C ALA D 54 45.37 -26.51 5.70
N LYS D 55 46.43 -25.84 5.24
CA LYS D 55 47.77 -26.30 5.57
C LYS D 55 48.05 -26.06 7.05
N ARG D 56 47.34 -25.12 7.66
CA ARG D 56 47.62 -24.70 9.03
C ARG D 56 46.40 -24.79 9.96
N PHE D 57 45.20 -24.82 9.40
CA PHE D 57 43.99 -24.84 10.22
C PHE D 57 42.97 -25.86 9.73
N THR D 58 42.05 -26.23 10.61
CA THR D 58 40.83 -26.89 10.18
C THR D 58 39.96 -25.77 9.63
N VAL D 59 39.55 -25.90 8.37
CA VAL D 59 38.75 -24.87 7.72
C VAL D 59 37.34 -25.37 7.45
N ILE D 60 36.34 -24.59 7.86
CA ILE D 60 34.97 -24.93 7.51
C ILE D 60 34.30 -23.74 6.84
N ALA D 61 33.58 -24.00 5.76
CA ALA D 61 32.91 -22.96 4.99
C ALA D 61 31.45 -23.32 4.75
N PRO D 62 30.55 -22.77 5.57
CA PRO D 62 29.14 -23.18 5.44
C PRO D 62 28.40 -22.37 4.38
N ASP D 63 27.30 -22.93 3.90
CA ASP D 63 26.34 -22.15 3.13
C ASP D 63 25.42 -21.45 4.12
N LEU D 64 25.21 -20.16 3.92
CA LEU D 64 24.25 -19.42 4.76
C LEU D 64 22.89 -20.08 4.63
N PRO D 65 22.11 -20.10 5.74
CA PRO D 65 20.77 -20.68 5.70
C PRO D 65 19.97 -20.23 4.48
N GLY D 66 19.41 -21.20 3.75
CA GLY D 66 18.55 -20.91 2.61
C GLY D 66 19.35 -20.78 1.33
N LEU D 67 20.65 -20.54 1.46
CA LEU D 67 21.52 -20.38 0.29
C LEU D 67 22.39 -21.63 0.09
N GLY D 68 22.99 -21.73 -1.08
CA GLY D 68 23.75 -22.91 -1.46
C GLY D 68 22.91 -24.13 -1.20
N GLN D 69 23.42 -25.06 -0.40
CA GLN D 69 22.69 -26.28 -0.11
C GLN D 69 22.18 -26.35 1.33
N SER D 70 22.13 -25.21 2.00
CA SER D 70 21.63 -25.13 3.37
C SER D 70 20.12 -24.85 3.44
N GLU D 71 19.44 -25.51 4.37
CA GLU D 71 18.01 -25.29 4.56
CA GLU D 71 18.01 -25.28 4.56
C GLU D 71 17.77 -23.86 5.06
N PRO D 72 16.59 -23.30 4.76
CA PRO D 72 16.28 -21.97 5.27
C PRO D 72 16.25 -21.96 6.80
N PRO D 73 16.44 -20.79 7.41
CA PRO D 73 16.34 -20.73 8.88
C PRO D 73 14.91 -20.99 9.30
N LYS D 74 14.73 -21.54 10.50
CA LYS D 74 13.39 -21.75 11.05
C LYS D 74 12.97 -20.62 11.99
N THR D 75 13.90 -19.75 12.33
CA THR D 75 13.60 -18.60 13.18
C THR D 75 13.38 -17.35 12.34
N GLY D 76 14.43 -16.89 11.68
CA GLY D 76 14.33 -15.69 10.89
C GLY D 76 15.64 -15.36 10.24
N TYR D 77 15.68 -14.28 9.48
CA TYR D 77 16.86 -13.91 8.71
C TYR D 77 17.56 -12.67 9.26
N SER D 78 17.15 -12.20 10.44
CA SER D 78 17.87 -11.10 11.08
C SER D 78 19.24 -11.61 11.54
N GLY D 79 20.18 -10.69 11.68
CA GLY D 79 21.56 -11.04 12.06
C GLY D 79 21.61 -11.88 13.31
N GLU D 80 20.86 -11.50 14.33
CA GLU D 80 20.92 -12.22 15.60
C GLU D 80 20.41 -13.65 15.48
N GLN D 81 19.37 -13.85 14.68
CA GLN D 81 18.83 -15.19 14.49
C GLN D 81 19.74 -16.08 13.67
N VAL D 82 20.31 -15.53 12.59
CA VAL D 82 21.14 -16.34 11.71
C VAL D 82 22.43 -16.64 12.43
N ALA D 83 22.91 -15.67 13.19
CA ALA D 83 24.18 -15.81 13.89
C ALA D 83 24.15 -17.01 14.84
N VAL D 84 22.99 -17.27 15.44
CA VAL D 84 22.86 -18.44 16.31
C VAL D 84 23.28 -19.73 15.60
N TYR D 85 22.77 -19.94 14.39
CA TYR D 85 23.09 -21.14 13.61
C TYR D 85 24.56 -21.26 13.33
N LEU D 86 25.19 -20.15 12.95
CA LEU D 86 26.61 -20.16 12.61
C LEU D 86 27.50 -20.39 13.82
N HIS D 87 27.17 -19.75 14.93
CA HIS D 87 27.88 -19.98 16.19
C HIS D 87 27.79 -21.44 16.66
N LYS D 88 26.58 -22.00 16.63
CA LYS D 88 26.41 -23.38 17.08
C LYS D 88 27.11 -24.37 16.17
N LEU D 89 27.08 -24.12 14.86
CA LEU D 89 27.82 -24.97 13.92
C LEU D 89 29.32 -24.97 14.25
N ALA D 90 29.87 -23.79 14.43
CA ALA D 90 31.30 -23.67 14.74
C ALA D 90 31.63 -24.40 16.04
N ARG D 91 30.77 -24.24 17.04
CA ARG D 91 30.96 -24.90 18.34
C ARG D 91 30.91 -26.41 18.25
N GLN D 92 30.15 -26.94 17.29
CA GLN D 92 30.16 -28.38 17.08
C GLN D 92 31.56 -28.86 16.78
N PHE D 93 32.35 -28.07 16.05
CA PHE D 93 33.67 -28.53 15.62
C PHE D 93 34.82 -28.00 16.47
N SER D 94 34.56 -26.93 17.20
CA SER D 94 35.58 -26.37 18.06
C SER D 94 35.02 -26.11 19.46
N PRO D 95 34.59 -27.17 20.15
CA PRO D 95 33.99 -27.00 21.48
C PRO D 95 34.99 -26.56 22.55
N ASP D 96 36.27 -26.87 22.37
CA ASP D 96 37.24 -26.67 23.44
C ASP D 96 38.22 -25.51 23.24
N ARG D 97 38.16 -24.85 22.09
CA ARG D 97 39.04 -23.73 21.77
C ARG D 97 38.27 -22.62 21.08
N PRO D 98 38.75 -21.37 21.20
CA PRO D 98 38.12 -20.36 20.35
C PRO D 98 38.49 -20.62 18.90
N PHE D 99 37.65 -20.15 17.98
CA PHE D 99 37.90 -20.34 16.56
C PHE D 99 38.08 -18.98 15.89
N ASP D 100 38.65 -18.98 14.68
CA ASP D 100 38.76 -17.75 13.90
C ASP D 100 37.54 -17.59 13.00
N LEU D 101 37.23 -16.35 12.66
CA LEU D 101 36.06 -16.08 11.83
C LEU D 101 36.43 -15.11 10.70
N VAL D 102 36.15 -15.53 9.47
CA VAL D 102 36.36 -14.68 8.31
C VAL D 102 35.00 -14.52 7.59
N ALA D 103 34.58 -13.28 7.33
CA ALA D 103 33.28 -13.06 6.68
C ALA D 103 33.31 -11.98 5.59
N HIS D 104 32.50 -12.20 4.57
CA HIS D 104 32.40 -11.31 3.42
C HIS D 104 30.94 -10.93 3.21
N SER D 105 30.67 -9.69 2.80
CA SER D 105 29.30 -9.28 2.41
C SER D 105 28.33 -9.55 3.57
N ILE D 106 27.16 -10.11 3.28
CA ILE D 106 26.17 -10.34 4.36
C ILE D 106 26.64 -11.39 5.38
N GLY D 107 27.72 -12.08 5.07
CA GLY D 107 28.35 -12.94 6.06
C GLY D 107 28.66 -12.14 7.32
N ILE D 108 28.98 -10.87 7.15
CA ILE D 108 29.22 -9.99 8.29
CA ILE D 108 29.22 -9.98 8.27
C ILE D 108 27.95 -9.79 9.09
N TRP D 109 26.86 -9.46 8.40
CA TRP D 109 25.57 -9.23 9.04
C TRP D 109 25.18 -10.44 9.88
N ASN D 110 25.44 -11.61 9.31
CA ASN D 110 25.03 -12.87 9.91
C ASN D 110 25.99 -13.43 10.94
N THR D 111 27.10 -12.75 11.19
CA THR D 111 28.06 -13.22 12.20
C THR D 111 28.33 -12.21 13.32
N TYR D 112 28.18 -10.92 13.05
CA TYR D 112 28.53 -9.93 14.07
C TYR D 112 27.87 -10.17 15.46
N PRO D 113 26.56 -10.43 15.48
CA PRO D 113 25.93 -10.63 16.80
C PRO D 113 26.53 -11.78 17.60
N MET D 114 26.87 -12.89 16.95
CA MET D 114 27.44 -14.01 17.69
C MET D 114 28.89 -13.74 18.11
N VAL D 115 29.57 -12.88 17.37
CA VAL D 115 30.93 -12.51 17.74
C VAL D 115 30.90 -11.61 18.96
N VAL D 116 30.00 -10.63 18.96
CA VAL D 116 29.98 -9.68 20.07
C VAL D 116 29.45 -10.34 21.35
N LYS D 117 28.56 -11.32 21.19
CA LYS D 117 27.96 -11.96 22.35
C LYS D 117 28.78 -13.13 22.90
N ASN D 118 29.72 -13.62 22.10
CA ASN D 118 30.50 -14.78 22.51
C ASN D 118 31.98 -14.54 22.27
N GLN D 119 32.48 -13.43 22.81
CA GLN D 119 33.83 -12.98 22.49
C GLN D 119 34.91 -14.01 22.86
N ALA D 120 34.69 -14.74 23.95
CA ALA D 120 35.67 -15.76 24.37
C ALA D 120 35.79 -16.89 23.36
N ASP D 121 34.78 -17.03 22.49
CA ASP D 121 34.76 -18.10 21.50
C ASP D 121 35.49 -17.71 20.20
N ILE D 122 35.87 -16.44 20.09
CA ILE D 122 36.44 -15.94 18.83
C ILE D 122 37.89 -15.49 19.03
N ALA D 123 38.83 -16.22 18.44
CA ALA D 123 40.24 -15.89 18.59
C ALA D 123 40.59 -14.65 17.78
N ARG D 124 40.31 -14.70 16.48
CA ARG D 124 40.59 -13.57 15.60
CA ARG D 124 40.64 -13.61 15.55
C ARG D 124 39.52 -13.40 14.54
N LEU D 125 39.30 -12.15 14.15
CA LEU D 125 38.22 -11.78 13.25
C LEU D 125 38.74 -11.11 11.98
N VAL D 126 38.26 -11.56 10.82
CA VAL D 126 38.51 -10.85 9.56
C VAL D 126 37.17 -10.52 8.89
N TYR D 127 36.91 -9.23 8.70
CA TYR D 127 35.68 -8.79 8.01
C TYR D 127 36.06 -8.09 6.72
N MET D 128 35.37 -8.42 5.62
CA MET D 128 35.66 -7.75 4.35
C MET D 128 34.41 -7.36 3.55
N GLU D 129 34.43 -6.15 3.00
CA GLU D 129 33.46 -5.76 1.99
C GLU D 129 31.97 -5.85 2.37
N ALA D 130 31.58 -5.08 3.37
CA ALA D 130 30.17 -4.85 3.70
C ALA D 130 30.11 -4.14 5.03
N PRO D 131 29.14 -3.25 5.20
CA PRO D 131 29.03 -2.55 6.47
C PRO D 131 28.42 -3.48 7.49
N ILE D 132 28.82 -3.37 8.74
CA ILE D 132 28.02 -3.94 9.81
CA ILE D 132 28.03 -3.92 9.83
C ILE D 132 26.71 -3.15 9.77
N PRO D 133 25.56 -3.85 9.89
CA PRO D 133 24.32 -3.07 9.80
C PRO D 133 24.22 -2.09 10.95
N ASP D 134 24.27 -0.81 10.61
CA ASP D 134 24.04 0.25 11.59
C ASP D 134 23.58 1.51 10.86
N ALA D 135 23.48 2.60 11.60
CA ALA D 135 22.90 3.84 11.08
C ALA D 135 23.66 4.36 9.86
N ARG D 136 24.90 3.92 9.70
CA ARG D 136 25.74 4.34 8.59
C ARG D 136 25.19 3.98 7.21
N ILE D 137 24.48 2.86 7.13
CA ILE D 137 23.95 2.42 5.85
C ILE D 137 22.90 3.38 5.30
N TYR D 138 22.30 4.20 6.16
CA TYR D 138 21.28 5.15 5.73
C TYR D 138 21.90 6.40 5.07
N ARG D 139 23.22 6.46 4.99
CA ARG D 139 23.91 7.60 4.38
CA ARG D 139 23.91 7.60 4.38
C ARG D 139 24.28 7.34 2.93
N PHE D 140 24.35 6.07 2.55
CA PHE D 140 24.71 5.75 1.17
C PHE D 140 23.69 6.35 0.22
N PRO D 141 24.18 6.98 -0.87
CA PRO D 141 23.34 7.66 -1.87
C PRO D 141 22.56 6.71 -2.77
N ALA D 142 21.38 7.16 -3.17
CA ALA D 142 20.49 6.39 -4.02
C ALA D 142 20.99 6.42 -5.45
N PHE D 143 21.79 7.44 -5.76
CA PHE D 143 22.16 7.73 -7.14
C PHE D 143 23.44 8.57 -7.16
N THR D 144 24.22 8.45 -8.23
CA THR D 144 25.48 9.19 -8.29
C THR D 144 25.63 9.88 -9.63
N ALA D 145 26.58 10.82 -9.69
CA ALA D 145 26.89 11.52 -10.91
C ALA D 145 27.44 10.64 -12.04
N GLN D 146 27.80 9.39 -11.71
CA GLN D 146 28.34 8.45 -12.72
C GLN D 146 27.34 7.34 -13.08
N GLY D 147 26.20 7.33 -12.41
CA GLY D 147 25.19 6.30 -12.67
C GLY D 147 24.76 5.63 -11.40
N GLU D 148 24.43 4.33 -11.49
CA GLU D 148 23.88 3.62 -10.34
C GLU D 148 24.85 3.64 -9.16
N SER D 149 24.29 3.70 -7.96
CA SER D 149 25.09 3.75 -6.75
C SER D 149 25.42 2.35 -6.24
N LEU D 150 26.23 2.29 -5.19
CA LEU D 150 26.70 1.02 -4.66
C LEU D 150 25.59 0.17 -4.04
N VAL D 151 24.64 0.79 -3.33
CA VAL D 151 23.71 -0.03 -2.53
C VAL D 151 22.23 0.26 -2.73
N TRP D 152 21.84 0.75 -3.90
CA TRP D 152 20.42 0.91 -4.20
C TRP D 152 19.72 -0.44 -4.12
N HIS D 153 20.49 -1.51 -4.22
CA HIS D 153 19.92 -2.84 -4.11
C HIS D 153 19.40 -3.16 -2.71
N PHE D 154 19.87 -2.43 -1.69
CA PHE D 154 19.30 -2.62 -0.35
C PHE D 154 17.79 -2.37 -0.43
N SER D 155 17.40 -1.33 -1.15
CA SER D 155 15.97 -1.00 -1.29
C SER D 155 15.21 -1.98 -2.20
N PHE D 156 15.79 -2.27 -3.36
CA PHE D 156 15.25 -3.25 -4.29
C PHE D 156 14.99 -4.60 -3.59
N PHE D 157 16.00 -5.12 -2.91
CA PHE D 157 15.87 -6.42 -2.24
C PHE D 157 14.94 -6.37 -1.03
N ALA D 158 14.90 -5.25 -0.31
CA ALA D 158 14.06 -5.17 0.90
C ALA D 158 12.58 -4.95 0.58
N ALA D 159 12.30 -4.49 -0.64
CA ALA D 159 10.93 -4.16 -1.05
C ALA D 159 9.98 -5.34 -0.84
N ASP D 160 8.72 -5.05 -0.50
CA ASP D 160 7.73 -6.10 -0.32
C ASP D 160 7.12 -6.55 -1.65
N ASP D 161 6.01 -7.29 -1.58
CA ASP D 161 5.34 -7.84 -2.78
C ASP D 161 6.25 -8.81 -3.52
N ARG D 162 7.27 -9.34 -2.83
CA ARG D 162 8.26 -10.19 -3.45
CA ARG D 162 8.21 -10.22 -3.50
C ARG D 162 8.77 -9.52 -4.74
N LEU D 163 9.08 -8.23 -4.62
CA LEU D 163 9.48 -7.45 -5.81
C LEU D 163 10.68 -8.06 -6.49
N ALA D 164 11.72 -8.31 -5.73
CA ALA D 164 12.96 -8.83 -6.29
C ALA D 164 12.78 -10.22 -6.93
N GLU D 165 12.14 -11.14 -6.20
CA GLU D 165 11.98 -12.50 -6.73
C GLU D 165 11.20 -12.48 -8.03
N THR D 166 10.18 -11.63 -8.08
CA THR D 166 9.25 -11.63 -9.20
C THR D 166 9.97 -11.11 -10.45
N LEU D 167 10.70 -10.02 -10.32
CA LEU D 167 11.39 -9.43 -11.46
C LEU D 167 12.59 -10.26 -11.91
N ILE D 168 13.23 -10.96 -10.98
CA ILE D 168 14.48 -11.67 -11.28
C ILE D 168 14.26 -13.12 -11.70
N ALA D 169 13.17 -13.72 -11.25
CA ALA D 169 12.87 -15.10 -11.66
C ALA D 169 12.84 -15.19 -13.19
N GLY D 170 13.46 -16.23 -13.72
CA GLY D 170 13.59 -16.38 -15.16
C GLY D 170 14.72 -15.54 -15.74
N LYS D 171 15.30 -14.68 -14.91
CA LYS D 171 16.39 -13.81 -15.35
C LYS D 171 17.56 -13.84 -14.37
N GLU D 172 17.70 -14.93 -13.62
CA GLU D 172 18.64 -14.98 -12.51
C GLU D 172 20.08 -14.79 -12.97
N ARG D 173 20.45 -15.48 -14.05
CA ARG D 173 21.81 -15.39 -14.59
C ARG D 173 22.12 -13.96 -15.06
N PHE D 174 21.18 -13.39 -15.80
CA PHE D 174 21.32 -12.04 -16.31
C PHE D 174 21.52 -11.02 -15.17
N PHE D 175 20.65 -11.09 -14.17
CA PHE D 175 20.74 -10.15 -13.07
C PHE D 175 22.04 -10.29 -12.30
N LEU D 176 22.43 -11.53 -12.03
CA LEU D 176 23.61 -11.76 -11.20
C LEU D 176 24.85 -11.25 -11.93
N GLU D 177 24.94 -11.51 -13.23
CA GLU D 177 26.07 -10.99 -13.98
C GLU D 177 26.11 -9.48 -13.89
N HIS D 178 24.97 -8.83 -14.02
CA HIS D 178 24.98 -7.40 -13.94
C HIS D 178 25.37 -6.95 -12.55
N PHE D 179 24.79 -7.60 -11.54
CA PHE D 179 25.09 -7.24 -10.16
C PHE D 179 26.56 -7.46 -9.82
N ILE D 180 27.09 -8.61 -10.19
CA ILE D 180 28.51 -8.90 -9.95
C ILE D 180 29.41 -7.88 -10.63
N LYS D 181 29.22 -7.70 -11.94
CA LYS D 181 30.12 -6.81 -12.68
C LYS D 181 30.00 -5.35 -12.24
N SER D 182 28.80 -4.92 -11.89
N SER D 182 28.79 -4.93 -11.89
CA SER D 182 28.61 -3.55 -11.42
CA SER D 182 28.58 -3.57 -11.40
C SER D 182 29.30 -3.29 -10.08
C SER D 182 29.30 -3.30 -10.08
N HIS D 183 29.57 -4.34 -9.31
CA HIS D 183 30.30 -4.18 -8.04
C HIS D 183 31.73 -4.68 -8.14
N ALA D 184 32.20 -4.91 -9.36
CA ALA D 184 33.55 -5.40 -9.59
C ALA D 184 34.43 -4.33 -10.23
N SER D 185 35.72 -4.42 -9.96
CA SER D 185 36.71 -3.67 -10.74
C SER D 185 37.23 -4.59 -11.83
N ASN D 186 37.50 -5.82 -11.44
N ASN D 186 37.50 -5.83 -11.47
CA ASN D 186 38.03 -6.83 -12.33
CA ASN D 186 38.07 -6.76 -12.42
C ASN D 186 36.94 -7.81 -12.74
C ASN D 186 37.06 -7.84 -12.82
N THR D 187 36.34 -7.58 -13.90
CA THR D 187 35.28 -8.48 -14.38
C THR D 187 35.80 -9.78 -14.99
N GLU D 188 37.06 -9.77 -15.43
CA GLU D 188 37.66 -10.92 -16.10
C GLU D 188 37.62 -12.17 -15.25
N VAL D 189 37.77 -11.98 -13.93
CA VAL D 189 37.88 -13.11 -13.01
C VAL D 189 36.60 -13.92 -12.91
N PHE D 190 35.50 -13.37 -13.42
CA PHE D 190 34.23 -14.09 -13.43
C PHE D 190 33.92 -14.65 -14.81
N SER D 191 34.36 -15.88 -15.03
CA SER D 191 34.14 -16.57 -16.28
C SER D 191 32.66 -16.76 -16.49
N GLU D 192 32.26 -17.10 -17.72
CA GLU D 192 30.87 -17.40 -17.98
C GLU D 192 30.43 -18.66 -17.21
N ARG D 193 31.36 -19.59 -16.99
CA ARG D 193 31.04 -20.81 -16.24
CA ARG D 193 31.06 -20.81 -16.25
C ARG D 193 30.79 -20.52 -14.76
N LEU D 194 31.65 -19.70 -14.18
CA LEU D 194 31.50 -19.36 -12.76
C LEU D 194 30.17 -18.68 -12.52
N LEU D 195 29.80 -17.78 -13.42
CA LEU D 195 28.53 -17.08 -13.32
C LEU D 195 27.37 -18.06 -13.40
N ASP D 196 27.51 -19.06 -14.27
CA ASP D 196 26.47 -20.09 -14.41
C ASP D 196 26.24 -20.83 -13.10
N LEU D 197 27.33 -21.19 -12.43
CA LEU D 197 27.22 -21.95 -11.19
C LEU D 197 26.58 -21.13 -10.06
N TYR D 198 27.02 -19.89 -9.89
CA TYR D 198 26.39 -19.06 -8.88
C TYR D 198 24.91 -18.80 -9.20
N ALA D 199 24.63 -18.50 -10.46
CA ALA D 199 23.25 -18.25 -10.88
C ALA D 199 22.34 -19.46 -10.69
N ARG D 200 22.84 -20.65 -11.02
CA ARG D 200 22.04 -21.86 -10.87
CA ARG D 200 22.05 -21.86 -10.88
C ARG D 200 21.69 -22.07 -9.41
N SER D 201 22.64 -21.77 -8.53
CA SER D 201 22.44 -21.97 -7.10
C SER D 201 21.39 -21.01 -6.53
N TYR D 202 21.55 -19.72 -6.75
CA TYR D 202 20.63 -18.79 -6.09
C TYR D 202 19.30 -18.73 -6.82
N ALA D 203 19.25 -19.33 -8.01
CA ALA D 203 18.01 -19.40 -8.77
C ALA D 203 17.01 -20.39 -8.17
N LYS D 204 17.49 -21.32 -7.33
CA LYS D 204 16.55 -22.19 -6.63
C LYS D 204 15.52 -21.30 -5.92
N PRO D 205 14.22 -21.60 -6.13
CA PRO D 205 13.18 -20.73 -5.58
C PRO D 205 13.39 -20.37 -4.10
N HIS D 206 13.69 -21.35 -3.25
CA HIS D 206 13.86 -21.02 -1.84
C HIS D 206 15.11 -20.19 -1.57
N SER D 207 16.12 -20.34 -2.43
CA SER D 207 17.36 -19.58 -2.28
C SER D 207 17.23 -18.17 -2.86
N LEU D 208 16.46 -18.02 -3.93
CA LEU D 208 16.22 -16.68 -4.45
C LEU D 208 15.50 -15.85 -3.38
N ASN D 209 14.46 -16.43 -2.78
CA ASN D 209 13.76 -15.77 -1.67
C ASN D 209 14.65 -15.54 -0.46
N ALA D 210 15.41 -16.55 -0.06
CA ALA D 210 16.26 -16.41 1.12
C ALA D 210 17.18 -15.22 0.93
N SER D 211 17.76 -15.13 -0.27
CA SER D 211 18.72 -14.08 -0.59
C SER D 211 18.16 -12.73 -0.18
N PHE D 212 16.92 -12.46 -0.57
CA PHE D 212 16.34 -11.16 -0.34
C PHE D 212 15.78 -11.00 1.08
N GLU D 213 15.41 -12.11 1.70
CA GLU D 213 14.96 -12.06 3.10
C GLU D 213 16.05 -11.49 4.03
N TYR D 214 17.32 -11.75 3.73
CA TYR D 214 18.38 -11.11 4.50
C TYR D 214 18.29 -9.59 4.46
N TYR D 215 17.87 -9.06 3.31
CA TYR D 215 17.71 -7.62 3.16
C TYR D 215 16.41 -7.11 3.78
N ARG D 216 15.38 -7.94 3.72
CA ARG D 216 14.09 -7.58 4.30
C ARG D 216 14.19 -7.51 5.83
N ALA D 217 15.23 -8.14 6.37
CA ALA D 217 15.48 -8.11 7.81
C ALA D 217 16.58 -7.15 8.21
N LEU D 218 17.11 -6.41 7.24
CA LEU D 218 18.24 -5.51 7.48
C LEU D 218 17.98 -4.42 8.52
N ASN D 219 16.85 -3.72 8.40
CA ASN D 219 16.49 -2.73 9.42
C ASN D 219 16.36 -3.34 10.81
N GLU D 220 15.79 -4.54 10.88
CA GLU D 220 15.73 -5.25 12.16
C GLU D 220 17.15 -5.51 12.70
N SER D 221 18.04 -5.94 11.80
CA SER D 221 19.43 -6.16 12.17
C SER D 221 20.10 -4.88 12.71
N VAL D 222 19.89 -3.77 12.01
CA VAL D 222 20.34 -2.45 12.47
C VAL D 222 19.85 -2.17 13.89
N ARG D 223 18.56 -2.38 14.13
CA ARG D 223 17.99 -2.17 15.46
C ARG D 223 18.63 -3.09 16.52
N GLN D 224 18.84 -4.35 16.16
CA GLN D 224 19.47 -5.31 17.06
C GLN D 224 20.91 -4.87 17.38
N ASN D 225 21.61 -4.38 16.37
CA ASN D 225 23.02 -4.03 16.54
C ASN D 225 23.22 -2.76 17.37
N ALA D 226 22.20 -1.90 17.41
CA ALA D 226 22.27 -0.69 18.22
C ALA D 226 22.41 -1.03 19.69
N GLU D 227 21.76 -2.11 20.11
CA GLU D 227 21.92 -2.61 21.48
C GLU D 227 23.22 -3.42 21.64
N LEU D 228 23.52 -4.31 20.70
CA LEU D 228 24.73 -5.12 20.79
C LEU D 228 26.02 -4.29 20.83
N ALA D 229 26.03 -3.19 20.10
CA ALA D 229 27.22 -2.37 19.91
C ALA D 229 27.69 -1.67 21.19
N LYS D 230 26.91 -1.81 22.26
CA LYS D 230 27.29 -1.21 23.54
C LYS D 230 28.52 -1.92 24.11
N THR D 231 28.80 -3.11 23.58
CA THR D 231 30.01 -3.86 23.92
C THR D 231 30.99 -3.88 22.75
N ARG D 232 32.14 -3.23 22.92
CA ARG D 232 33.16 -3.22 21.88
C ARG D 232 33.80 -4.60 21.70
N LEU D 233 34.26 -4.87 20.48
CA LEU D 233 34.94 -6.12 20.18
C LEU D 233 36.37 -6.08 20.72
N GLN D 234 36.79 -7.13 21.40
CA GLN D 234 38.10 -7.17 22.04
C GLN D 234 39.16 -8.03 21.34
N MET D 235 38.74 -8.94 20.47
CA MET D 235 39.69 -9.81 19.77
C MET D 235 40.44 -9.07 18.66
N PRO D 236 41.63 -9.57 18.28
CA PRO D 236 42.35 -9.00 17.13
C PRO D 236 41.48 -9.10 15.87
N THR D 237 41.40 -8.01 15.13
CA THR D 237 40.50 -7.91 13.99
C THR D 237 41.24 -7.28 12.81
N MET D 238 40.98 -7.81 11.62
CA MET D 238 41.47 -7.17 10.39
C MET D 238 40.29 -6.91 9.47
N THR D 239 40.31 -5.77 8.80
CA THR D 239 39.34 -5.49 7.74
C THR D 239 40.06 -5.44 6.40
N LEU D 240 39.35 -5.86 5.35
CA LEU D 240 39.80 -5.71 3.96
C LEU D 240 38.68 -5.08 3.16
N ALA D 241 39.03 -4.23 2.20
CA ALA D 241 38.06 -3.58 1.34
C ALA D 241 38.71 -3.36 -0.01
N GLY D 242 37.92 -3.39 -1.07
CA GLY D 242 38.43 -3.11 -2.40
C GLY D 242 38.64 -1.61 -2.57
N GLY D 243 39.70 -1.21 -3.24
CA GLY D 243 39.97 0.20 -3.44
C GLY D 243 39.53 0.71 -4.79
N GLY D 244 39.11 -0.20 -5.66
CA GLY D 244 38.66 0.15 -7.00
C GLY D 244 37.14 0.29 -7.12
N HIS D 245 36.66 0.38 -8.35
CA HIS D 245 35.23 0.46 -8.61
C HIS D 245 34.50 -0.70 -7.96
N GLY D 246 33.42 -0.39 -7.26
CA GLY D 246 32.61 -1.42 -6.62
C GLY D 246 32.97 -1.68 -5.16
N GLY D 247 34.13 -1.20 -4.73
CA GLY D 247 34.63 -1.48 -3.39
C GLY D 247 34.11 -0.53 -2.32
N MET D 248 34.30 -0.92 -1.07
CA MET D 248 33.95 -0.08 0.08
C MET D 248 35.04 0.93 0.44
N GLY D 249 36.27 0.68 -0.02
CA GLY D 249 37.38 1.57 0.29
C GLY D 249 37.57 1.83 1.78
N THR D 250 37.79 3.09 2.15
CA THR D 250 38.12 3.45 3.53
C THR D 250 36.99 3.22 4.53
N PHE D 251 35.77 3.03 4.03
CA PHE D 251 34.61 2.86 4.91
C PHE D 251 34.77 1.66 5.83
N GLN D 252 35.29 0.56 5.30
CA GLN D 252 35.36 -0.68 6.07
C GLN D 252 36.12 -0.52 7.39
N LEU D 253 37.35 -0.01 7.32
CA LEU D 253 38.17 0.18 8.51
C LEU D 253 37.59 1.27 9.43
N GLU D 254 37.20 2.39 8.84
CA GLU D 254 36.64 3.50 9.62
C GLU D 254 35.44 3.05 10.45
N GLN D 255 34.51 2.31 9.85
CA GLN D 255 33.39 1.80 10.61
C GLN D 255 33.88 0.86 11.69
N MET D 256 34.76 -0.06 11.33
CA MET D 256 35.23 -1.07 12.28
C MET D 256 35.95 -0.44 13.47
N LYS D 257 36.62 0.67 13.24
CA LYS D 257 37.31 1.37 14.31
C LYS D 257 36.35 1.69 15.45
N ALA D 258 35.07 1.87 15.12
CA ALA D 258 34.05 2.19 16.11
C ALA D 258 33.56 0.94 16.86
N TYR D 259 33.83 -0.25 16.33
CA TYR D 259 33.37 -1.49 16.97
C TYR D 259 34.47 -2.23 17.68
N ALA D 260 35.68 -2.15 17.15
CA ALA D 260 36.79 -2.96 17.64
C ALA D 260 37.93 -2.11 18.20
N GLU D 261 38.48 -2.55 19.32
CA GLU D 261 39.57 -1.85 19.98
C GLU D 261 40.91 -2.14 19.31
N ASP D 262 41.04 -3.35 18.77
CA ASP D 262 42.30 -3.83 18.21
C ASP D 262 42.08 -4.25 16.76
N VAL D 263 42.23 -3.30 15.85
CA VAL D 263 41.88 -3.54 14.45
C VAL D 263 42.89 -2.90 13.52
N GLU D 264 43.19 -3.62 12.45
CA GLU D 264 43.99 -3.09 11.37
C GLU D 264 43.23 -3.31 10.08
N GLY D 265 43.46 -2.47 9.08
CA GLY D 265 42.77 -2.64 7.82
C GLY D 265 43.68 -2.49 6.63
N HIS D 266 43.20 -2.94 5.48
CA HIS D 266 43.91 -2.79 4.24
C HIS D 266 42.88 -2.50 3.17
N VAL D 267 43.24 -1.61 2.25
CA VAL D 267 42.45 -1.35 1.08
C VAL D 267 43.25 -1.85 -0.10
N LEU D 268 42.64 -2.69 -0.92
CA LEU D 268 43.31 -3.33 -2.03
C LEU D 268 43.04 -2.59 -3.34
N PRO D 269 44.04 -1.85 -3.84
CA PRO D 269 43.91 -1.12 -5.11
C PRO D 269 43.64 -2.10 -6.26
N GLY D 270 42.85 -1.67 -7.25
CA GLY D 270 42.56 -2.50 -8.40
C GLY D 270 41.54 -3.60 -8.14
N CYS D 271 40.94 -3.61 -6.95
CA CYS D 271 39.93 -4.60 -6.58
C CYS D 271 38.62 -3.94 -6.16
N GLY D 272 37.51 -4.55 -6.56
CA GLY D 272 36.18 -4.08 -6.17
C GLY D 272 35.62 -4.87 -4.99
N HIS D 273 34.34 -5.23 -5.05
CA HIS D 273 33.63 -5.87 -3.94
C HIS D 273 34.00 -7.36 -3.71
N TRP D 274 34.34 -8.06 -4.78
CA TRP D 274 34.45 -9.52 -4.74
C TRP D 274 35.88 -9.97 -4.45
N LEU D 275 36.40 -9.55 -3.31
CA LEU D 275 37.82 -9.79 -2.98
C LEU D 275 38.34 -11.20 -3.25
N PRO D 276 37.68 -12.24 -2.72
CA PRO D 276 38.21 -13.59 -2.91
C PRO D 276 38.42 -13.97 -4.39
N GLU D 277 37.59 -13.45 -5.30
CA GLU D 277 37.79 -13.73 -6.72
C GLU D 277 38.61 -12.69 -7.46
N GLU D 278 38.35 -11.42 -7.21
CA GLU D 278 39.02 -10.36 -7.94
C GLU D 278 40.46 -10.22 -7.51
N CYS D 279 40.73 -10.51 -6.25
CA CYS D 279 42.10 -10.33 -5.78
C CYS D 279 42.47 -11.46 -4.80
N ALA D 280 42.40 -12.68 -5.33
CA ALA D 280 42.57 -13.89 -4.55
C ALA D 280 43.94 -13.96 -3.87
N ALA D 281 45.01 -13.71 -4.63
CA ALA D 281 46.36 -13.85 -4.06
C ALA D 281 46.62 -12.90 -2.87
N PRO D 282 46.48 -11.58 -3.08
CA PRO D 282 46.70 -10.63 -1.99
C PRO D 282 45.76 -10.86 -0.83
N MET D 283 44.49 -11.12 -1.14
CA MET D 283 43.52 -11.36 -0.08
C MET D 283 43.89 -12.60 0.72
N ASN D 284 44.18 -13.70 0.01
CA ASN D 284 44.57 -14.94 0.68
C ASN D 284 45.79 -14.72 1.57
N ARG D 285 46.76 -13.98 1.06
CA ARG D 285 48.01 -13.76 1.78
C ARG D 285 47.75 -12.97 3.06
N LEU D 286 46.92 -11.93 2.96
CA LEU D 286 46.66 -11.09 4.13
C LEU D 286 45.90 -11.84 5.22
N VAL D 287 44.97 -12.67 4.81
CA VAL D 287 44.20 -13.48 5.74
C VAL D 287 45.05 -14.56 6.42
N ILE D 288 45.76 -15.34 5.62
CA ILE D 288 46.61 -16.40 6.17
C ILE D 288 47.59 -15.82 7.18
N ASP D 289 48.23 -14.71 6.82
CA ASP D 289 49.26 -14.09 7.66
C ASP D 289 48.65 -13.54 8.95
N PHE D 290 47.50 -12.88 8.84
CA PHE D 290 46.86 -12.33 10.02
C PHE D 290 46.43 -13.44 11.00
N LEU D 291 45.92 -14.55 10.47
CA LEU D 291 45.43 -15.62 11.33
C LEU D 291 46.58 -16.46 11.86
N SER D 292 47.73 -16.37 11.21
CA SER D 292 48.88 -17.19 11.59
C SER D 292 49.72 -16.59 12.73
N ARG D 293 49.43 -15.36 13.13
CA ARG D 293 50.09 -14.78 14.31
C ARG D 293 49.67 -15.51 15.60
N GLY D 294 48.53 -16.20 15.54
CA GLY D 294 48.03 -16.98 16.66
C GLY D 294 48.29 -18.46 16.43
N ARG D 295 48.38 -19.24 17.52
CA ARG D 295 48.75 -20.65 17.40
C ARG D 295 47.93 -21.43 16.36
N HIS D 296 48.63 -22.29 15.62
CA HIS D 296 48.03 -23.07 14.52
C HIS D 296 48.87 -24.32 14.22
N HIS D 297 48.32 -25.24 13.42
CA HIS D 297 49.04 -26.46 13.04
C HIS D 297 49.83 -26.25 11.76
#